data_9EO4
#
_entry.id   9EO4
#
_cell.length_a   1.00
_cell.length_b   1.00
_cell.length_c   1.00
_cell.angle_alpha   90.00
_cell.angle_beta   90.00
_cell.angle_gamma   90.00
#
_symmetry.space_group_name_H-M   'P 1'
#
loop_
_entity.id
_entity.type
_entity.pdbx_description
1 polymer 'Sodium-dependent dopamine transporter'
2 non-polymer CHOLESTEROL
3 non-polymer 'CHOLESTEROL HEMISUCCINATE'
4 non-polymer 'SODIUM ION'
5 non-polymer 'CHLORIDE ION'
6 non-polymer COCAINE
7 water water
#
_entity_poly.entity_id   1
_entity_poly.type   'polypeptide(L)'
_entity_poly.pdbx_seq_one_letter_code
;MSKSKCSVGLMSSVVAPAKEPNAVGPKEVELILVKEQNGVQLTSSTLTNPRQSPVEAQDRETWGKKIDFLLSVIGFAVDL
ANVWRFPYLCYKNGGGAFLVPYLLFMVIAGMPLFYMELALGQFNREGAAGVWKICPILKGVGFTVILISLYVGFFYNVII
AWALHYLFSSFTTELPWIHCNNSWNSPNCSDAHPGDSSGDSSGLNDTFGTTPAAEYFERGVLHLHQSHGIDDLGPPRWQL
TACLVLVIVLLYFSLWKGVKTSGKVVWITATMPYVVLTALLLRGVTLPGAIDGIRAYLSVDFYRLCEASVWIDAATQVCF
SLGVGFGVLIAFSSYNKFTNNCYRDAIVTTSINSLTSFSSGFVVFSFLGYMAQKHSVPIGDVAKDGPGLIFIIYPEAIAT
LPLSSAWAVVFFIMLLTLGIDSAMGGMESVITGLIDEFQLLHRHRELFTLFIVLATFLLSLFCVTNGGIYVFTLLDHFAA
GTSILFGVLIEAIGVAWFYGVGQFSDDIQQMTGQRPSLYWRLCWKLVSPCFLLFVVVVSIVTFRPPHYGAYIFPDWANAL
GWVIATSSMAMVPIYAAYKFCSLPGSFREKLAYAIAPEKDRELVDRGEVRQFTLRHWLKVGGGSGGGSGGSAWSHPQFEK
GGGSGGGSGGSAWSHPQFEK
;
_entity_poly.pdbx_strand_id   B
#
loop_
_chem_comp.id
_chem_comp.type
_chem_comp.name
_chem_comp.formula
CL non-polymer 'CHLORIDE ION' 'Cl -1'
CLR non-polymer CHOLESTEROL 'C27 H46 O'
COC non-polymer COCAINE 'C17 H21 N O4'
NA non-polymer 'SODIUM ION' 'Na 1'
Y01 non-polymer 'CHOLESTEROL HEMISUCCINATE' 'C31 H50 O4'
#
# COMPACT_ATOMS: atom_id res chain seq x y z
N ALA A 57 31.38 -13.71 0.83
CA ALA A 57 30.01 -13.27 0.65
C ALA A 57 29.12 -13.83 1.75
N GLN A 58 28.61 -12.95 2.61
CA GLN A 58 27.73 -13.38 3.69
C GLN A 58 26.49 -14.05 3.13
N ASP A 59 26.15 -15.20 3.70
CA ASP A 59 24.94 -15.90 3.29
C ASP A 59 23.72 -15.05 3.59
N ARG A 60 22.83 -14.94 2.60
CA ARG A 60 21.61 -14.15 2.78
C ARG A 60 20.76 -14.76 3.89
N GLU A 61 20.25 -13.90 4.77
CA GLU A 61 19.39 -14.37 5.85
C GLU A 61 18.05 -14.83 5.29
N THR A 62 17.40 -15.72 6.04
CA THR A 62 16.08 -16.23 5.70
C THR A 62 15.15 -16.05 6.89
N TRP A 63 13.86 -16.09 6.61
CA TRP A 63 12.87 -15.99 7.67
C TRP A 63 13.10 -17.10 8.68
N GLY A 64 13.10 -16.76 9.98
CA GLY A 64 13.30 -17.75 11.03
C GLY A 64 12.27 -18.85 10.89
N LYS A 65 11.01 -18.49 10.70
CA LYS A 65 9.89 -19.43 10.54
C LYS A 65 9.12 -18.99 9.30
N LYS A 66 8.25 -19.82 8.76
CA LYS A 66 7.43 -19.43 7.59
C LYS A 66 6.29 -18.56 8.11
N ILE A 67 5.77 -18.81 9.29
CA ILE A 67 4.70 -17.98 9.89
C ILE A 67 5.21 -16.54 9.91
N ASP A 68 6.52 -16.33 9.96
CA ASP A 68 7.06 -14.97 9.95
C ASP A 68 6.80 -14.30 8.60
N PHE A 69 7.13 -15.00 7.50
CA PHE A 69 6.90 -14.44 6.18
C PHE A 69 5.42 -14.22 5.93
N LEU A 70 4.58 -15.20 6.27
CA LEU A 70 3.15 -15.07 6.01
C LEU A 70 2.58 -13.88 6.77
N LEU A 71 2.93 -13.74 8.04
CA LEU A 71 2.43 -12.63 8.83
C LEU A 71 3.00 -11.30 8.36
N SER A 72 4.24 -11.27 7.89
CA SER A 72 4.78 -10.03 7.33
C SER A 72 3.97 -9.59 6.12
N VAL A 73 3.71 -10.53 5.21
CA VAL A 73 2.95 -10.17 4.00
C VAL A 73 1.54 -9.75 4.35
N ILE A 74 0.90 -10.48 5.28
CA ILE A 74 -0.47 -10.14 5.67
C ILE A 74 -0.51 -8.78 6.34
N GLY A 75 0.43 -8.50 7.24
CA GLY A 75 0.45 -7.21 7.90
C GLY A 75 0.69 -6.07 6.95
N PHE A 76 1.58 -6.26 5.98
CA PHE A 76 1.78 -5.22 4.98
C PHE A 76 0.51 -5.01 4.17
N ALA A 77 -0.07 -6.07 3.65
CA ALA A 77 -1.25 -5.93 2.80
C ALA A 77 -2.43 -5.37 3.59
N VAL A 78 -2.62 -5.83 4.82
CA VAL A 78 -3.73 -5.38 5.65
C VAL A 78 -3.30 -4.08 6.35
N ASP A 79 -3.83 -2.95 5.88
CA ASP A 79 -3.50 -1.64 6.42
C ASP A 79 -4.79 -0.90 6.78
N LEU A 80 -4.64 0.39 7.09
CA LEU A 80 -5.79 1.20 7.47
C LEU A 80 -6.81 1.29 6.34
N ALA A 81 -6.36 1.66 5.15
CA ALA A 81 -7.28 1.82 4.03
C ALA A 81 -8.00 0.51 3.72
N ASN A 82 -7.24 -0.59 3.61
CA ASN A 82 -7.85 -1.87 3.28
C ASN A 82 -8.96 -2.22 4.27
N VAL A 83 -8.81 -1.83 5.53
CA VAL A 83 -9.79 -2.18 6.55
C VAL A 83 -10.95 -1.19 6.60
N TRP A 84 -10.74 0.06 6.15
CA TRP A 84 -11.79 1.07 6.21
C TRP A 84 -12.15 1.70 4.86
N ARG A 85 -11.56 1.33 3.76
CA ARG A 85 -11.81 1.97 2.43
C ARG A 85 -12.51 0.96 1.56
N PHE A 86 -12.06 -0.27 1.53
CA PHE A 86 -12.64 -1.24 0.60
C PHE A 86 -14.12 -1.45 0.82
N PRO A 87 -14.61 -1.73 2.03
CA PRO A 87 -16.05 -1.93 2.21
C PRO A 87 -16.89 -0.72 1.85
N TYR A 88 -16.39 0.49 2.13
CA TYR A 88 -17.10 1.69 1.72
C TYR A 88 -17.22 1.76 0.20
N LEU A 89 -16.14 1.44 -0.51
CA LEU A 89 -16.18 1.42 -1.97
C LEU A 89 -17.19 0.40 -2.47
N CYS A 90 -17.18 -0.79 -1.85
CA CYS A 90 -18.13 -1.84 -2.24
C CYS A 90 -19.58 -1.35 -2.07
N TYR A 91 -19.87 -0.73 -0.93
CA TYR A 91 -21.21 -0.21 -0.71
C TYR A 91 -21.56 0.85 -1.74
N LYS A 92 -20.60 1.71 -2.08
CA LYS A 92 -20.88 2.81 -3.01
C LYS A 92 -21.03 2.32 -4.44
N ASN A 93 -20.56 1.13 -4.77
CA ASN A 93 -20.70 0.58 -6.12
C ASN A 93 -21.51 -0.71 -6.15
N GLY A 94 -22.66 -0.69 -5.49
CA GLY A 94 -23.62 -1.77 -5.59
C GLY A 94 -23.51 -2.83 -4.52
N GLY A 95 -22.69 -2.63 -3.50
CA GLY A 95 -22.59 -3.61 -2.44
C GLY A 95 -22.07 -4.93 -2.99
N GLY A 96 -22.84 -6.00 -2.76
CA GLY A 96 -22.41 -7.32 -3.21
C GLY A 96 -22.15 -7.41 -4.69
N ALA A 97 -22.87 -6.64 -5.50
CA ALA A 97 -22.60 -6.63 -6.94
C ALA A 97 -21.17 -6.25 -7.24
N PHE A 98 -20.60 -5.32 -6.46
CA PHE A 98 -19.21 -4.93 -6.66
C PHE A 98 -18.24 -6.09 -6.49
N LEU A 99 -18.65 -7.16 -5.80
CA LEU A 99 -17.78 -8.32 -5.66
C LEU A 99 -17.65 -9.10 -6.95
N VAL A 100 -18.54 -8.88 -7.92
CA VAL A 100 -18.49 -9.61 -9.19
C VAL A 100 -17.26 -9.14 -9.96
N PRO A 101 -17.15 -7.85 -10.29
CA PRO A 101 -15.94 -7.40 -11.01
C PRO A 101 -14.68 -7.57 -10.18
N TYR A 102 -14.70 -7.15 -8.91
CA TYR A 102 -13.52 -7.29 -8.07
C TYR A 102 -12.93 -8.68 -8.16
N LEU A 103 -13.72 -9.69 -7.74
CA LEU A 103 -13.22 -11.07 -7.81
C LEU A 103 -12.71 -11.39 -9.21
N LEU A 104 -13.44 -10.99 -10.24
CA LEU A 104 -12.99 -11.25 -11.60
C LEU A 104 -11.59 -10.67 -11.81
N PHE A 105 -11.42 -9.38 -11.50
CA PHE A 105 -10.10 -8.77 -11.69
C PHE A 105 -9.08 -9.34 -10.71
N MET A 106 -9.55 -9.95 -9.62
CA MET A 106 -8.63 -10.65 -8.73
C MET A 106 -8.20 -11.98 -9.34
N VAL A 107 -9.12 -12.65 -10.06
CA VAL A 107 -8.81 -13.96 -10.62
C VAL A 107 -7.89 -13.82 -11.82
N ILE A 108 -8.14 -12.83 -12.68
CA ILE A 108 -7.43 -12.74 -13.95
C ILE A 108 -6.19 -11.85 -13.91
N ALA A 109 -6.12 -10.89 -12.99
CA ALA A 109 -5.00 -9.96 -12.96
C ALA A 109 -4.40 -9.72 -11.59
N GLY A 110 -5.11 -9.93 -10.50
CA GLY A 110 -4.56 -9.63 -9.18
C GLY A 110 -3.74 -10.76 -8.60
N MET A 111 -4.35 -11.93 -8.48
CA MET A 111 -3.61 -13.10 -8.03
C MET A 111 -2.42 -13.41 -8.92
N PRO A 112 -2.53 -13.37 -10.25
CA PRO A 112 -1.34 -13.59 -11.09
C PRO A 112 -0.21 -12.61 -10.79
N LEU A 113 -0.51 -11.34 -10.54
CA LEU A 113 0.55 -10.37 -10.28
C LEU A 113 1.17 -10.60 -8.90
N PHE A 114 0.35 -10.90 -7.90
CA PHE A 114 0.87 -11.24 -6.58
C PHE A 114 1.80 -12.44 -6.66
N TYR A 115 1.35 -13.48 -7.37
CA TYR A 115 2.16 -14.68 -7.54
C TYR A 115 3.45 -14.38 -8.29
N MET A 116 3.37 -13.55 -9.33
CA MET A 116 4.56 -13.21 -10.10
C MET A 116 5.58 -12.49 -9.23
N GLU A 117 5.12 -11.52 -8.43
CA GLU A 117 6.06 -10.79 -7.58
C GLU A 117 6.70 -11.72 -6.56
N LEU A 118 5.90 -12.56 -5.90
CA LEU A 118 6.46 -13.47 -4.90
C LEU A 118 7.46 -14.43 -5.52
N ALA A 119 7.11 -15.03 -6.65
CA ALA A 119 8.00 -15.99 -7.30
C ALA A 119 9.27 -15.32 -7.78
N LEU A 120 9.16 -14.13 -8.37
CA LEU A 120 10.34 -13.42 -8.85
C LEU A 120 11.29 -13.12 -7.71
N GLY A 121 10.76 -12.56 -6.61
CA GLY A 121 11.61 -12.28 -5.47
C GLY A 121 12.25 -13.52 -4.90
N GLN A 122 11.49 -14.61 -4.80
CA GLN A 122 12.03 -15.83 -4.21
C GLN A 122 13.12 -16.44 -5.10
N PHE A 123 12.91 -16.47 -6.42
CA PHE A 123 13.90 -17.08 -7.29
C PHE A 123 15.17 -16.25 -7.35
N ASN A 124 15.04 -14.95 -7.57
CA ASN A 124 16.22 -14.13 -7.80
C ASN A 124 16.95 -13.76 -6.51
N ARG A 125 16.36 -14.05 -5.35
CA ARG A 125 17.05 -13.93 -4.07
C ARG A 125 17.61 -12.53 -3.88
N GLU A 126 16.83 -11.52 -4.24
CA GLU A 126 17.26 -10.13 -4.10
C GLU A 126 16.02 -9.26 -4.02
N GLY A 127 16.25 -7.97 -3.74
CA GLY A 127 15.19 -7.01 -3.59
C GLY A 127 14.63 -6.57 -4.92
N ALA A 128 13.90 -5.45 -4.88
CA ALA A 128 13.22 -4.97 -6.08
C ALA A 128 14.21 -4.63 -7.19
N ALA A 129 15.33 -4.02 -6.84
CA ALA A 129 16.30 -3.60 -7.85
C ALA A 129 17.16 -4.77 -8.32
N GLY A 130 17.71 -5.53 -7.38
CA GLY A 130 18.57 -6.64 -7.74
C GLY A 130 17.85 -7.78 -8.44
N VAL A 131 16.53 -7.84 -8.31
CA VAL A 131 15.75 -8.88 -8.96
C VAL A 131 15.88 -8.80 -10.47
N TRP A 132 16.17 -7.63 -11.02
CA TRP A 132 16.13 -7.42 -12.47
C TRP A 132 17.45 -7.77 -13.13
N LYS A 133 17.96 -8.96 -12.84
CA LYS A 133 18.99 -9.59 -13.62
C LYS A 133 18.40 -10.49 -14.70
N ILE A 134 17.07 -10.63 -14.72
CA ILE A 134 16.39 -11.36 -15.78
C ILE A 134 16.22 -10.48 -17.01
N CYS A 135 16.15 -9.17 -16.82
CA CYS A 135 16.11 -8.21 -17.92
C CYS A 135 16.79 -6.94 -17.45
N PRO A 136 18.11 -6.86 -17.58
CA PRO A 136 18.84 -5.73 -16.99
C PRO A 136 18.33 -4.36 -17.41
N ILE A 137 17.90 -4.20 -18.66
CA ILE A 137 17.53 -2.88 -19.15
C ILE A 137 16.36 -2.31 -18.35
N LEU A 138 15.43 -3.16 -17.94
CA LEU A 138 14.27 -2.73 -17.17
C LEU A 138 14.56 -2.62 -15.68
N LYS A 139 15.83 -2.71 -15.28
CA LYS A 139 16.16 -2.69 -13.86
C LYS A 139 15.68 -1.43 -13.17
N GLY A 140 15.57 -0.31 -13.88
CA GLY A 140 15.04 0.90 -13.29
C GLY A 140 13.70 0.69 -12.61
N VAL A 141 12.90 -0.26 -13.09
CA VAL A 141 11.61 -0.53 -12.44
C VAL A 141 11.81 -0.76 -10.96
N GLY A 142 12.80 -1.59 -10.60
CA GLY A 142 13.10 -1.76 -9.18
C GLY A 142 13.21 -0.42 -8.48
N PHE A 143 14.14 0.42 -8.93
CA PHE A 143 14.28 1.73 -8.29
C PHE A 143 12.95 2.45 -8.25
N THR A 144 12.20 2.45 -9.35
CA THR A 144 10.88 3.07 -9.34
C THR A 144 10.10 2.63 -8.11
N VAL A 145 9.86 1.32 -7.97
CA VAL A 145 9.03 0.87 -6.85
C VAL A 145 9.66 1.29 -5.54
N ILE A 146 10.99 1.17 -5.43
CA ILE A 146 11.65 1.58 -4.19
C ILE A 146 11.33 3.04 -3.91
N LEU A 147 11.51 3.91 -4.91
CA LEU A 147 11.19 5.31 -4.71
C LEU A 147 9.75 5.46 -4.23
N ILE A 148 8.82 4.76 -4.86
CA ILE A 148 7.43 4.88 -4.45
C ILE A 148 7.31 4.54 -2.98
N SER A 149 7.88 3.42 -2.56
CA SER A 149 7.84 3.07 -1.14
C SER A 149 8.40 4.20 -0.30
N LEU A 150 9.58 4.69 -0.68
CA LEU A 150 10.18 5.80 0.06
C LEU A 150 9.21 6.97 0.12
N TYR A 151 8.60 7.32 -1.01
CA TYR A 151 7.66 8.44 -1.02
C TYR A 151 6.50 8.17 -0.08
N VAL A 152 5.96 6.94 -0.09
CA VAL A 152 4.82 6.65 0.75
C VAL A 152 5.21 6.70 2.22
N GLY A 153 6.51 6.61 2.51
CA GLY A 153 6.96 6.73 3.88
C GLY A 153 7.00 8.15 4.39
N PHE A 154 6.89 9.14 3.50
CA PHE A 154 6.95 10.53 3.91
C PHE A 154 5.61 11.09 4.37
N PHE A 155 4.51 10.35 4.16
CA PHE A 155 3.21 10.81 4.62
C PHE A 155 2.46 9.73 5.38
N TYR A 156 2.76 8.46 5.09
CA TYR A 156 2.02 7.38 5.73
C TYR A 156 2.30 7.32 7.22
N ASN A 157 3.55 7.55 7.62
CA ASN A 157 3.88 7.54 9.04
C ASN A 157 3.16 8.63 9.82
N VAL A 158 2.71 9.69 9.13
CA VAL A 158 1.95 10.74 9.80
C VAL A 158 0.58 10.23 10.21
N ILE A 159 0.02 9.27 9.46
CA ILE A 159 -1.24 8.65 9.88
C ILE A 159 -1.04 7.90 11.19
N ILE A 160 0.07 7.16 11.30
CA ILE A 160 0.38 6.46 12.54
C ILE A 160 0.63 7.46 13.66
N ALA A 161 1.26 8.59 13.34
CA ALA A 161 1.44 9.64 14.35
C ALA A 161 0.10 10.17 14.84
N TRP A 162 -0.86 10.38 13.93
CA TRP A 162 -2.20 10.79 14.33
C TRP A 162 -2.86 9.75 15.21
N ALA A 163 -2.71 8.47 14.84
CA ALA A 163 -3.29 7.40 15.65
C ALA A 163 -2.67 7.37 17.04
N LEU A 164 -1.36 7.58 17.14
CA LEU A 164 -0.70 7.63 18.44
C LEU A 164 -1.17 8.84 19.25
N HIS A 165 -1.34 9.98 18.59
CA HIS A 165 -1.85 11.17 19.27
C HIS A 165 -3.25 10.91 19.83
N TYR A 166 -4.10 10.27 19.04
CA TYR A 166 -5.44 9.96 19.52
C TYR A 166 -5.41 8.90 20.62
N LEU A 167 -4.44 7.99 20.57
CA LEU A 167 -4.32 6.98 21.63
C LEU A 167 -3.93 7.63 22.95
N PHE A 168 -2.94 8.52 22.93
CA PHE A 168 -2.54 9.20 24.15
C PHE A 168 -3.65 10.11 24.67
N SER A 169 -4.51 10.62 23.77
CA SER A 169 -5.64 11.43 24.17
C SER A 169 -6.83 10.60 24.63
N SER A 170 -6.78 9.28 24.46
CA SER A 170 -7.88 8.40 24.83
C SER A 170 -7.78 7.89 26.26
N PHE A 171 -6.67 8.13 26.95
CA PHE A 171 -6.50 7.70 28.33
C PHE A 171 -7.05 8.77 29.28
N THR A 172 -8.35 9.02 29.14
CA THR A 172 -9.02 10.01 29.96
C THR A 172 -10.48 9.62 30.13
N THR A 173 -11.09 10.14 31.20
CA THR A 173 -12.49 9.88 31.47
C THR A 173 -13.42 10.70 30.59
N GLU A 174 -12.91 11.76 29.96
CA GLU A 174 -13.70 12.64 29.10
C GLU A 174 -12.97 12.76 27.77
N LEU A 175 -13.44 12.03 26.77
CA LEU A 175 -12.80 12.09 25.46
C LEU A 175 -12.91 13.50 24.89
N PRO A 176 -11.86 14.02 24.25
CA PRO A 176 -11.88 15.42 23.80
C PRO A 176 -12.68 15.67 22.54
N TRP A 177 -13.46 14.70 22.04
CA TRP A 177 -14.20 14.87 20.81
C TRP A 177 -15.68 14.54 21.00
N ILE A 178 -16.23 14.82 22.18
CA ILE A 178 -17.62 14.50 22.48
C ILE A 178 -18.46 15.77 22.44
N HIS A 179 -17.86 16.90 22.77
CA HIS A 179 -18.54 18.19 22.76
C HIS A 179 -17.60 19.22 22.16
N CYS A 180 -18.05 20.48 22.10
CA CYS A 180 -17.23 21.56 21.57
C CYS A 180 -17.28 22.78 22.50
N ASN A 181 -17.18 22.53 23.80
CA ASN A 181 -16.87 23.59 24.76
C ASN A 181 -15.38 23.59 25.07
N ASN A 182 -14.58 23.72 24.02
CA ASN A 182 -13.13 23.65 24.11
C ASN A 182 -12.51 24.86 23.43
N SER A 183 -11.20 25.02 23.64
CA SER A 183 -10.51 26.18 23.09
C SER A 183 -10.35 26.07 21.57
N TRP A 184 -10.29 24.86 21.04
CA TRP A 184 -10.06 24.67 19.61
C TRP A 184 -11.33 24.73 18.79
N ASN A 185 -12.48 24.90 19.41
CA ASN A 185 -13.76 24.79 18.71
C ASN A 185 -14.25 26.15 18.23
N SER A 186 -14.68 26.19 16.98
CA SER A 186 -15.24 27.40 16.39
C SER A 186 -16.69 27.59 16.86
N PRO A 187 -17.22 28.81 16.74
CA PRO A 187 -18.63 29.02 17.10
C PRO A 187 -19.59 28.26 16.21
N ASN A 188 -19.14 27.78 15.04
CA ASN A 188 -20.03 27.10 14.11
C ASN A 188 -20.34 25.66 14.53
N CYS A 189 -19.67 25.14 15.56
CA CYS A 189 -19.89 23.76 15.96
C CYS A 189 -21.35 23.54 16.36
N SER A 190 -21.90 22.39 15.97
CA SER A 190 -23.24 22.01 16.34
C SER A 190 -23.36 20.50 16.23
N ASP A 191 -23.52 19.83 17.37
CA ASP A 191 -23.66 18.38 17.38
C ASP A 191 -24.95 17.97 16.65
N THR A 210 -19.52 22.40 11.64
CA THR A 210 -18.80 21.13 11.64
C THR A 210 -18.99 20.42 12.98
N THR A 211 -18.97 19.09 12.95
CA THR A 211 -19.28 18.30 14.13
C THR A 211 -18.15 18.38 15.16
N PRO A 212 -18.44 18.06 16.42
CA PRO A 212 -17.38 18.11 17.44
C PRO A 212 -16.18 17.23 17.14
N ALA A 213 -16.40 16.05 16.56
CA ALA A 213 -15.29 15.15 16.27
C ALA A 213 -14.44 15.67 15.11
N ALA A 214 -15.10 16.12 14.03
CA ALA A 214 -14.37 16.70 12.92
C ALA A 214 -13.65 17.97 13.36
N GLU A 215 -14.31 18.80 14.17
CA GLU A 215 -13.68 20.00 14.68
C GLU A 215 -12.46 19.66 15.53
N TYR A 216 -12.58 18.64 16.40
CA TYR A 216 -11.43 18.24 17.19
C TYR A 216 -10.27 17.79 16.30
N PHE A 217 -10.57 16.96 15.31
CA PHE A 217 -9.51 16.48 14.43
C PHE A 217 -8.82 17.63 13.72
N GLU A 218 -9.61 18.60 13.22
CA GLU A 218 -9.04 19.60 12.33
C GLU A 218 -8.39 20.75 13.10
N ARG A 219 -8.92 21.10 14.27
CA ARG A 219 -8.49 22.30 14.99
C ARG A 219 -7.79 22.01 16.30
N GLY A 220 -7.82 20.77 16.78
CA GLY A 220 -7.18 20.43 18.04
C GLY A 220 -6.02 19.49 17.87
N VAL A 221 -6.06 18.69 16.80
CA VAL A 221 -4.97 17.78 16.47
C VAL A 221 -4.14 18.30 15.31
N LEU A 222 -4.80 18.61 14.19
CA LEU A 222 -4.10 19.12 13.01
C LEU A 222 -3.87 20.62 13.06
N HIS A 223 -4.81 21.38 13.61
CA HIS A 223 -4.74 22.84 13.64
C HIS A 223 -4.70 23.40 12.22
N LEU A 224 -5.69 23.00 11.41
CA LEU A 224 -5.76 23.48 10.03
C LEU A 224 -6.21 24.92 9.95
N HIS A 225 -7.05 25.36 10.90
CA HIS A 225 -7.56 26.73 10.84
C HIS A 225 -6.44 27.76 10.92
N GLN A 226 -5.26 27.37 11.39
CA GLN A 226 -4.11 28.25 11.47
C GLN A 226 -3.27 28.22 10.21
N SER A 227 -3.67 27.46 9.19
CA SER A 227 -2.95 27.39 7.92
C SER A 227 -3.92 27.68 6.79
N HIS A 228 -3.50 28.56 5.88
CA HIS A 228 -4.34 28.97 4.76
C HIS A 228 -4.21 28.06 3.55
N GLY A 229 -3.27 27.14 3.55
CA GLY A 229 -3.09 26.24 2.42
C GLY A 229 -1.73 25.60 2.46
N ILE A 230 -1.40 24.94 1.34
CA ILE A 230 -0.10 24.26 1.23
C ILE A 230 1.04 25.26 1.18
N ASP A 231 0.77 26.53 0.89
CA ASP A 231 1.79 27.57 0.86
C ASP A 231 1.95 28.26 2.21
N ASP A 232 1.21 27.84 3.23
CA ASP A 232 1.27 28.42 4.57
C ASP A 232 1.37 27.32 5.62
N LEU A 233 2.31 26.40 5.42
CA LEU A 233 2.41 25.23 6.28
C LEU A 233 2.59 25.64 7.74
N GLY A 234 3.54 26.51 8.02
CA GLY A 234 3.85 26.90 9.37
C GLY A 234 4.83 25.94 10.02
N PRO A 235 5.16 26.19 11.29
CA PRO A 235 6.14 25.34 11.98
C PRO A 235 5.54 23.99 12.34
N PRO A 236 6.35 22.95 12.46
CA PRO A 236 5.82 21.65 12.88
C PRO A 236 5.20 21.72 14.28
N ARG A 237 4.14 20.95 14.47
CA ARG A 237 3.53 20.83 15.78
C ARG A 237 4.38 19.91 16.66
N TRP A 238 4.61 20.32 17.91
CA TRP A 238 5.50 19.54 18.76
C TRP A 238 4.85 18.28 19.30
N GLN A 239 3.53 18.29 19.53
CA GLN A 239 2.85 17.07 19.94
C GLN A 239 2.87 16.03 18.83
N LEU A 240 2.46 16.44 17.62
CA LEU A 240 2.50 15.53 16.48
C LEU A 240 3.92 15.13 16.15
N THR A 241 4.88 16.04 16.32
CA THR A 241 6.28 15.71 16.09
C THR A 241 6.76 14.65 17.07
N ALA A 242 6.37 14.77 18.34
CA ALA A 242 6.76 13.76 19.33
C ALA A 242 6.13 12.41 19.01
N CYS A 243 4.86 12.39 18.61
CA CYS A 243 4.23 11.13 18.23
C CYS A 243 4.91 10.53 17.01
N LEU A 244 5.29 11.36 16.05
CA LEU A 244 6.02 10.88 14.88
C LEU A 244 7.39 10.33 15.29
N VAL A 245 8.03 10.96 16.27
CA VAL A 245 9.31 10.47 16.76
C VAL A 245 9.13 9.07 17.36
N LEU A 246 8.07 8.89 18.15
CA LEU A 246 7.81 7.57 18.72
C LEU A 246 7.57 6.53 17.63
N VAL A 247 6.78 6.88 16.62
CA VAL A 247 6.52 5.95 15.52
C VAL A 247 7.81 5.61 14.80
N ILE A 248 8.67 6.61 14.59
CA ILE A 248 9.93 6.41 13.89
C ILE A 248 10.86 5.52 14.69
N VAL A 249 10.91 5.72 16.01
CA VAL A 249 11.75 4.86 16.85
C VAL A 249 11.26 3.42 16.79
N LEU A 250 9.93 3.22 16.85
CA LEU A 250 9.39 1.87 16.72
C LEU A 250 9.78 1.25 15.39
N LEU A 251 9.66 2.01 14.31
CA LEU A 251 10.02 1.50 12.99
C LEU A 251 11.49 1.08 12.95
N TYR A 252 12.38 1.96 13.41
CA TYR A 252 13.80 1.66 13.36
C TYR A 252 14.12 0.41 14.15
N PHE A 253 13.66 0.33 15.39
CA PHE A 253 13.98 -0.84 16.20
C PHE A 253 13.23 -2.09 15.74
N SER A 254 12.24 -1.95 14.87
CA SER A 254 11.64 -3.11 14.23
C SER A 254 12.39 -3.58 13.00
N LEU A 255 13.11 -2.67 12.32
CA LEU A 255 13.75 -3.00 11.05
C LEU A 255 15.27 -3.01 11.10
N TRP A 256 15.91 -2.57 12.18
CA TRP A 256 17.35 -2.37 12.15
C TRP A 256 18.13 -3.68 12.08
N LYS A 257 17.58 -4.78 12.57
CA LYS A 257 18.29 -6.05 12.61
C LYS A 257 17.92 -6.98 11.46
N GLY A 258 17.05 -6.56 10.55
CA GLY A 258 16.67 -7.39 9.43
C GLY A 258 15.35 -8.10 9.65
N VAL A 259 15.16 -9.25 9.00
CA VAL A 259 13.91 -9.99 9.13
C VAL A 259 13.84 -10.82 10.40
N LYS A 260 14.97 -11.05 11.07
CA LYS A 260 14.95 -11.82 12.30
C LYS A 260 14.19 -11.13 13.42
N THR A 261 14.07 -9.80 13.38
CA THR A 261 13.26 -9.06 14.33
C THR A 261 11.94 -8.60 13.74
N SER A 262 11.91 -8.25 12.45
CA SER A 262 10.66 -7.85 11.82
C SER A 262 9.67 -9.02 11.80
N GLY A 263 10.15 -10.22 11.51
CA GLY A 263 9.29 -11.39 11.47
C GLY A 263 8.69 -11.73 12.81
N LYS A 264 9.32 -11.29 13.91
CA LYS A 264 8.76 -11.50 15.24
C LYS A 264 7.90 -10.32 15.69
N VAL A 265 8.18 -9.11 15.20
CA VAL A 265 7.32 -7.98 15.50
C VAL A 265 5.97 -8.14 14.81
N VAL A 266 5.97 -8.73 13.60
CA VAL A 266 4.71 -8.95 12.90
C VAL A 266 3.85 -9.98 13.62
N TRP A 267 4.41 -10.77 14.53
CA TRP A 267 3.60 -11.68 15.32
C TRP A 267 2.60 -10.93 16.17
N ILE A 268 2.92 -9.69 16.55
CA ILE A 268 2.03 -8.86 17.35
C ILE A 268 1.33 -7.82 16.50
N THR A 269 2.05 -7.15 15.60
CA THR A 269 1.44 -6.08 14.83
C THR A 269 0.54 -6.59 13.71
N ALA A 270 0.64 -7.87 13.35
CA ALA A 270 -0.21 -8.43 12.29
C ALA A 270 -1.40 -9.21 12.83
N THR A 271 -1.40 -9.57 14.12
CA THR A 271 -2.48 -10.32 14.72
C THR A 271 -3.34 -9.51 15.67
N MET A 272 -2.80 -8.47 16.30
CA MET A 272 -3.61 -7.60 17.14
C MET A 272 -4.76 -6.96 16.38
N PRO A 273 -4.58 -6.48 15.14
CA PRO A 273 -5.72 -5.91 14.43
C PRO A 273 -6.90 -6.85 14.31
N TYR A 274 -6.65 -8.14 14.12
CA TYR A 274 -7.76 -9.08 14.04
C TYR A 274 -8.48 -9.24 15.37
N VAL A 275 -7.75 -9.26 16.48
CA VAL A 275 -8.39 -9.35 17.78
C VAL A 275 -9.26 -8.13 18.03
N VAL A 276 -8.72 -6.93 17.75
CA VAL A 276 -9.50 -5.73 17.98
C VAL A 276 -10.69 -5.65 17.02
N LEU A 277 -10.51 -6.14 15.79
CA LEU A 277 -11.62 -6.15 14.84
C LEU A 277 -12.72 -7.08 15.30
N THR A 278 -12.36 -8.24 15.85
CA THR A 278 -13.38 -9.13 16.40
C THR A 278 -14.10 -8.48 17.58
N ALA A 279 -13.35 -7.80 18.45
CA ALA A 279 -13.99 -7.11 19.56
C ALA A 279 -14.97 -6.04 19.07
N LEU A 280 -14.54 -5.24 18.09
CA LEU A 280 -15.40 -4.19 17.56
C LEU A 280 -16.57 -4.76 16.78
N LEU A 281 -16.41 -5.93 16.17
CA LEU A 281 -17.52 -6.56 15.48
C LEU A 281 -18.57 -7.05 16.47
N LEU A 282 -18.13 -7.70 17.55
CA LEU A 282 -19.08 -8.13 18.56
C LEU A 282 -19.72 -6.94 19.26
N ARG A 283 -19.00 -5.81 19.36
CA ARG A 283 -19.59 -4.62 19.95
C ARG A 283 -20.63 -3.99 19.03
N GLY A 284 -20.30 -3.86 17.74
CA GLY A 284 -21.16 -3.16 16.80
C GLY A 284 -22.45 -3.86 16.45
N VAL A 285 -22.38 -5.17 16.22
CA VAL A 285 -23.58 -5.90 15.80
C VAL A 285 -24.67 -5.81 16.85
N THR A 286 -24.29 -5.63 18.12
CA THR A 286 -25.26 -5.50 19.19
C THR A 286 -25.81 -4.08 19.32
N LEU A 287 -25.26 -3.11 18.59
CA LEU A 287 -25.75 -1.75 18.68
C LEU A 287 -27.07 -1.60 17.92
N PRO A 288 -27.93 -0.68 18.33
CA PRO A 288 -29.18 -0.47 17.60
C PRO A 288 -28.93 0.21 16.26
N GLY A 289 -29.52 -0.35 15.20
CA GLY A 289 -29.34 0.16 13.87
C GLY A 289 -28.13 -0.38 13.13
N ALA A 290 -27.33 -1.22 13.78
CA ALA A 290 -26.16 -1.79 13.10
C ALA A 290 -26.56 -2.83 12.07
N ILE A 291 -27.62 -3.59 12.33
CA ILE A 291 -28.05 -4.63 11.39
C ILE A 291 -28.51 -3.99 10.08
N ASP A 292 -29.14 -2.83 10.16
CA ASP A 292 -29.52 -2.11 8.94
C ASP A 292 -28.29 -1.71 8.15
N GLY A 293 -27.23 -1.25 8.84
CA GLY A 293 -26.00 -0.92 8.15
C GLY A 293 -25.37 -2.13 7.48
N ILE A 294 -25.38 -3.27 8.17
CA ILE A 294 -24.85 -4.50 7.57
C ILE A 294 -25.65 -4.88 6.34
N ARG A 295 -26.99 -4.78 6.42
CA ARG A 295 -27.82 -5.10 5.28
C ARG A 295 -27.53 -4.16 4.11
N ALA A 296 -27.35 -2.87 4.38
CA ALA A 296 -26.98 -1.95 3.32
C ALA A 296 -25.64 -2.31 2.71
N TYR A 297 -24.70 -2.75 3.55
CA TYR A 297 -23.40 -3.18 3.05
C TYR A 297 -23.53 -4.37 2.11
N LEU A 298 -24.35 -5.35 2.48
CA LEU A 298 -24.50 -6.58 1.71
C LEU A 298 -25.58 -6.49 0.65
N SER A 299 -26.27 -5.36 0.52
CA SER A 299 -27.35 -5.18 -0.47
C SER A 299 -26.77 -5.39 -1.86
N VAL A 300 -27.43 -6.17 -2.71
CA VAL A 300 -26.96 -6.51 -4.04
C VAL A 300 -27.80 -5.74 -5.05
N ASP A 301 -27.13 -4.94 -5.88
CA ASP A 301 -27.77 -4.19 -6.96
C ASP A 301 -27.01 -4.51 -8.24
N PHE A 302 -27.40 -5.60 -8.90
CA PHE A 302 -26.71 -6.03 -10.10
C PHE A 302 -26.90 -5.04 -11.25
N TYR A 303 -27.99 -4.27 -11.26
CA TYR A 303 -28.17 -3.29 -12.31
C TYR A 303 -27.11 -2.20 -12.28
N ARG A 304 -26.38 -2.07 -11.17
CA ARG A 304 -25.26 -1.14 -11.10
C ARG A 304 -24.03 -1.64 -11.82
N LEU A 305 -24.02 -2.91 -12.25
CA LEU A 305 -22.88 -3.46 -12.97
C LEU A 305 -22.84 -3.02 -14.43
N CYS A 306 -23.94 -2.50 -14.96
CA CYS A 306 -23.94 -1.94 -16.31
C CYS A 306 -23.15 -0.64 -16.40
N GLU A 307 -22.84 -0.01 -15.26
CA GLU A 307 -22.07 1.21 -15.25
C GLU A 307 -20.58 0.92 -15.41
N ALA A 308 -19.91 1.73 -16.23
CA ALA A 308 -18.46 1.60 -16.37
C ALA A 308 -17.73 2.06 -15.12
N SER A 309 -18.34 2.93 -14.33
CA SER A 309 -17.69 3.41 -13.11
C SER A 309 -17.44 2.26 -12.14
N VAL A 310 -18.39 1.34 -12.01
CA VAL A 310 -18.23 0.22 -11.10
C VAL A 310 -17.03 -0.63 -11.51
N TRP A 311 -16.93 -0.94 -12.80
CA TRP A 311 -15.83 -1.78 -13.28
C TRP A 311 -14.49 -1.08 -13.14
N ILE A 312 -14.43 0.22 -13.46
CA ILE A 312 -13.19 0.96 -13.32
C ILE A 312 -12.77 1.01 -11.85
N ASP A 313 -13.73 1.24 -10.95
CA ASP A 313 -13.41 1.26 -9.53
C ASP A 313 -12.92 -0.10 -9.05
N ALA A 314 -13.54 -1.17 -9.52
CA ALA A 314 -13.09 -2.51 -9.12
C ALA A 314 -11.67 -2.77 -9.60
N ALA A 315 -11.35 -2.41 -10.84
CA ALA A 315 -10.01 -2.60 -11.35
C ALA A 315 -9.00 -1.79 -10.54
N THR A 316 -9.33 -0.52 -10.27
CA THR A 316 -8.42 0.34 -9.53
C THR A 316 -8.20 -0.19 -8.12
N GLN A 317 -9.24 -0.70 -7.48
CA GLN A 317 -9.16 -1.20 -6.10
C GLN A 317 -8.32 -2.47 -6.11
N VAL A 318 -8.48 -3.33 -7.09
CA VAL A 318 -7.66 -4.54 -7.17
C VAL A 318 -6.20 -4.16 -7.34
N CYS A 319 -5.93 -3.18 -8.19
CA CYS A 319 -4.54 -2.77 -8.41
C CYS A 319 -3.91 -2.20 -7.15
N PHE A 320 -4.64 -1.34 -6.44
CA PHE A 320 -4.05 -0.57 -5.34
C PHE A 320 -4.21 -1.24 -3.97
N SER A 321 -4.88 -2.39 -3.88
CA SER A 321 -5.13 -3.04 -2.61
C SER A 321 -4.29 -4.30 -2.39
N LEU A 322 -3.50 -4.72 -3.38
CA LEU A 322 -2.79 -5.98 -3.29
C LEU A 322 -1.43 -5.87 -2.63
N GLY A 323 -0.74 -4.74 -2.81
CA GLY A 323 0.62 -4.59 -2.36
C GLY A 323 1.67 -4.78 -3.43
N VAL A 324 1.26 -4.98 -4.67
CA VAL A 324 2.19 -5.11 -5.79
C VAL A 324 2.52 -3.71 -6.30
N GLY A 325 3.76 -3.54 -6.74
CA GLY A 325 4.23 -2.27 -7.25
C GLY A 325 5.07 -1.48 -6.25
N PHE A 326 5.20 -1.96 -5.02
CA PHE A 326 6.02 -1.30 -4.01
C PHE A 326 7.36 -1.98 -3.79
N GLY A 327 7.58 -3.15 -4.39
CA GLY A 327 8.80 -3.89 -4.13
C GLY A 327 8.83 -4.58 -2.79
N VAL A 328 7.70 -4.63 -2.09
CA VAL A 328 7.68 -5.21 -0.75
C VAL A 328 7.51 -6.72 -0.82
N LEU A 329 6.65 -7.21 -1.70
CA LEU A 329 6.51 -8.65 -1.86
C LEU A 329 7.81 -9.27 -2.38
N ILE A 330 8.48 -8.59 -3.30
CA ILE A 330 9.76 -9.07 -3.79
C ILE A 330 10.78 -9.16 -2.65
N ALA A 331 10.86 -8.10 -1.84
CA ALA A 331 11.81 -8.09 -0.74
C ALA A 331 11.49 -9.18 0.27
N PHE A 332 10.21 -9.37 0.60
CA PHE A 332 9.83 -10.38 1.58
C PHE A 332 10.15 -11.77 1.06
N SER A 333 9.83 -12.05 -0.20
CA SER A 333 10.09 -13.37 -0.76
C SER A 333 11.57 -13.61 -0.99
N SER A 334 12.37 -12.55 -1.11
CA SER A 334 13.81 -12.73 -1.28
C SER A 334 14.45 -13.38 -0.06
N TYR A 335 13.78 -13.38 1.09
CA TYR A 335 14.28 -14.01 2.29
C TYR A 335 13.65 -15.39 2.53
N ASN A 336 12.97 -15.93 1.53
CA ASN A 336 12.34 -17.23 1.61
C ASN A 336 13.31 -18.30 1.10
N LYS A 337 13.20 -19.50 1.66
CA LYS A 337 14.00 -20.61 1.19
C LYS A 337 13.71 -20.86 -0.28
N PHE A 338 14.77 -21.19 -1.04
CA PHE A 338 14.62 -21.34 -2.48
C PHE A 338 13.53 -22.35 -2.83
N THR A 339 13.47 -23.46 -2.09
CA THR A 339 12.50 -24.51 -2.34
C THR A 339 11.15 -24.22 -1.71
N ASN A 340 10.88 -22.97 -1.34
CA ASN A 340 9.59 -22.62 -0.77
C ASN A 340 8.51 -22.64 -1.84
N ASN A 341 7.27 -22.82 -1.39
CA ASN A 341 6.10 -22.86 -2.29
C ASN A 341 5.48 -21.48 -2.34
N CYS A 342 5.90 -20.67 -3.31
CA CYS A 342 5.37 -19.32 -3.46
C CYS A 342 3.94 -19.33 -3.99
N TYR A 343 3.52 -20.41 -4.66
CA TYR A 343 2.17 -20.50 -5.17
C TYR A 343 1.16 -20.56 -4.03
N ARG A 344 1.38 -21.48 -3.08
CA ARG A 344 0.49 -21.59 -1.93
C ARG A 344 0.55 -20.32 -1.08
N ASP A 345 1.74 -19.76 -0.92
CA ASP A 345 1.87 -18.52 -0.16
C ASP A 345 1.07 -17.40 -0.79
N ALA A 346 1.16 -17.26 -2.11
CA ALA A 346 0.39 -16.24 -2.81
C ALA A 346 -1.10 -16.44 -2.60
N ILE A 347 -1.57 -17.67 -2.82
CA ILE A 347 -3.00 -17.94 -2.66
C ILE A 347 -3.46 -17.61 -1.24
N VAL A 348 -2.72 -18.11 -0.25
CA VAL A 348 -3.14 -17.94 1.14
C VAL A 348 -3.14 -16.48 1.53
N THR A 349 -2.07 -15.75 1.20
CA THR A 349 -1.99 -14.35 1.59
C THR A 349 -3.05 -13.52 0.89
N THR A 350 -3.27 -13.74 -0.41
CA THR A 350 -4.29 -12.98 -1.11
C THR A 350 -5.67 -13.27 -0.54
N SER A 351 -5.97 -14.54 -0.26
CA SER A 351 -7.25 -14.88 0.33
C SER A 351 -7.43 -14.21 1.68
N ILE A 352 -6.39 -14.23 2.51
CA ILE A 352 -6.50 -13.63 3.84
C ILE A 352 -6.73 -12.12 3.73
N ASN A 353 -5.99 -11.46 2.84
CA ASN A 353 -6.13 -10.01 2.70
C ASN A 353 -7.52 -9.65 2.20
N SER A 354 -8.00 -10.36 1.17
CA SER A 354 -9.33 -10.07 0.63
C SER A 354 -10.41 -10.33 1.66
N LEU A 355 -10.30 -11.44 2.40
CA LEU A 355 -11.30 -11.77 3.41
C LEU A 355 -11.27 -10.75 4.54
N THR A 356 -10.08 -10.28 4.93
CA THR A 356 -10.00 -9.25 5.96
C THR A 356 -10.66 -7.96 5.49
N SER A 357 -10.41 -7.57 4.25
CA SER A 357 -11.03 -6.35 3.72
C SER A 357 -12.54 -6.49 3.67
N PHE A 358 -13.04 -7.66 3.27
CA PHE A 358 -14.49 -7.87 3.21
C PHE A 358 -15.10 -7.89 4.61
N SER A 359 -14.45 -8.57 5.55
CA SER A 359 -15.01 -8.72 6.89
C SER A 359 -14.98 -7.42 7.67
N SER A 360 -13.96 -6.58 7.45
CA SER A 360 -13.92 -5.29 8.12
C SER A 360 -15.13 -4.44 7.75
N GLY A 361 -15.75 -4.72 6.61
CA GLY A 361 -16.95 -3.98 6.24
C GLY A 361 -18.08 -4.18 7.21
N PHE A 362 -18.17 -5.37 7.81
CA PHE A 362 -19.23 -5.60 8.78
C PHE A 362 -19.10 -4.67 9.98
N VAL A 363 -17.87 -4.52 10.51
CA VAL A 363 -17.65 -3.57 11.59
C VAL A 363 -17.94 -2.15 11.11
N VAL A 364 -17.38 -1.80 9.94
CA VAL A 364 -17.52 -0.44 9.44
C VAL A 364 -18.98 -0.05 9.34
N PHE A 365 -19.79 -0.92 8.76
CA PHE A 365 -21.17 -0.59 8.48
C PHE A 365 -22.12 -0.87 9.64
N SER A 366 -21.75 -1.74 10.58
CA SER A 366 -22.48 -1.77 11.83
C SER A 366 -22.37 -0.42 12.53
N PHE A 367 -21.15 0.11 12.63
CA PHE A 367 -20.98 1.40 13.27
C PHE A 367 -21.64 2.52 12.47
N LEU A 368 -21.53 2.46 11.14
CA LEU A 368 -22.15 3.50 10.31
C LEU A 368 -23.67 3.46 10.41
N GLY A 369 -24.27 2.27 10.45
CA GLY A 369 -25.70 2.18 10.61
C GLY A 369 -26.15 2.65 11.98
N TYR A 370 -25.38 2.35 13.02
CA TYR A 370 -25.69 2.86 14.35
C TYR A 370 -25.67 4.38 14.35
N MET A 371 -24.64 4.98 13.74
CA MET A 371 -24.58 6.43 13.67
C MET A 371 -25.71 7.00 12.84
N ALA A 372 -26.08 6.33 11.75
CA ALA A 372 -27.17 6.79 10.90
C ALA A 372 -28.49 6.79 11.67
N GLN A 373 -28.74 5.73 12.43
CA GLN A 373 -29.95 5.69 13.26
C GLN A 373 -29.91 6.78 14.31
N LYS A 374 -28.74 7.03 14.90
CA LYS A 374 -28.64 8.08 15.91
C LYS A 374 -28.96 9.45 15.33
N HIS A 375 -28.41 9.75 14.14
CA HIS A 375 -28.60 11.04 13.51
C HIS A 375 -29.82 11.09 12.59
N SER A 376 -30.47 9.96 12.35
CA SER A 376 -31.64 9.91 11.46
C SER A 376 -31.29 10.40 10.07
N VAL A 377 -30.23 9.84 9.50
CA VAL A 377 -29.78 10.16 8.15
C VAL A 377 -29.45 8.87 7.41
N PRO A 378 -29.45 8.91 6.08
CA PRO A 378 -29.07 7.71 5.32
C PRO A 378 -27.61 7.34 5.58
N ILE A 379 -27.33 6.05 5.49
CA ILE A 379 -25.97 5.56 5.74
C ILE A 379 -24.99 6.19 4.76
N GLY A 380 -25.45 6.56 3.56
CA GLY A 380 -24.59 7.22 2.61
C GLY A 380 -24.10 8.58 3.07
N ASP A 381 -24.93 9.31 3.82
CA ASP A 381 -24.52 10.63 4.31
C ASP A 381 -23.50 10.54 5.45
N VAL A 382 -23.62 9.52 6.30
CA VAL A 382 -22.71 9.39 7.44
C VAL A 382 -21.28 9.19 6.96
N ALA A 383 -21.10 8.29 6.00
CA ALA A 383 -19.76 7.92 5.56
C ALA A 383 -19.13 9.07 4.77
N LYS A 384 -18.16 9.74 5.40
CA LYS A 384 -17.37 10.74 4.69
C LYS A 384 -16.26 10.07 3.90
N ASP A 385 -15.50 10.88 3.15
CA ASP A 385 -14.32 10.40 2.44
C ASP A 385 -13.18 11.35 2.69
N GLY A 386 -12.02 10.80 3.07
CA GLY A 386 -10.85 11.60 3.33
C GLY A 386 -9.95 10.97 4.37
N PRO A 387 -8.84 11.64 4.68
CA PRO A 387 -7.94 11.11 5.72
C PRO A 387 -8.60 10.97 7.08
N GLY A 388 -9.52 11.86 7.42
CA GLY A 388 -10.10 11.87 8.74
C GLY A 388 -11.34 11.01 8.88
N LEU A 389 -11.60 10.15 7.89
CA LEU A 389 -12.74 9.24 8.00
C LEU A 389 -12.63 8.30 9.18
N ILE A 390 -11.40 7.98 9.62
CA ILE A 390 -11.20 7.10 10.77
C ILE A 390 -10.95 7.87 12.05
N PHE A 391 -10.71 9.18 11.97
CA PHE A 391 -10.49 10.01 13.15
C PHE A 391 -11.68 10.91 13.45
N ILE A 392 -12.79 10.76 12.73
CA ILE A 392 -13.95 11.63 12.89
C ILE A 392 -15.19 10.80 13.15
N ILE A 393 -15.45 9.82 12.29
CA ILE A 393 -16.71 9.08 12.34
C ILE A 393 -16.66 7.97 13.38
N TYR A 394 -15.62 7.14 13.36
CA TYR A 394 -15.59 6.00 14.25
C TYR A 394 -15.28 6.44 15.68
N PRO A 395 -14.39 7.41 15.89
CA PRO A 395 -14.28 8.00 17.23
C PRO A 395 -15.58 8.61 17.72
N GLU A 396 -16.34 9.25 16.81
CA GLU A 396 -17.63 9.81 17.20
C GLU A 396 -18.59 8.72 17.63
N ALA A 397 -18.61 7.59 16.91
CA ALA A 397 -19.47 6.48 17.31
C ALA A 397 -19.01 5.88 18.63
N ILE A 398 -17.69 5.77 18.84
CA ILE A 398 -17.18 5.18 20.06
C ILE A 398 -17.50 6.05 21.27
N ALA A 399 -17.46 7.37 21.13
CA ALA A 399 -17.68 8.29 22.26
C ALA A 399 -19.07 8.03 22.84
N THR A 400 -19.98 7.44 22.07
CA THR A 400 -21.38 7.22 22.48
C THR A 400 -21.57 5.83 23.09
N LEU A 401 -20.52 5.03 23.23
CA LEU A 401 -20.63 3.69 23.79
C LEU A 401 -20.31 3.69 25.28
N PRO A 402 -20.87 2.77 26.05
CA PRO A 402 -20.42 2.60 27.44
C PRO A 402 -18.96 2.20 27.46
N LEU A 403 -18.23 2.68 28.47
CA LEU A 403 -16.78 2.48 28.55
C LEU A 403 -16.11 2.99 27.27
N SER A 404 -16.49 4.20 26.86
CA SER A 404 -16.01 4.74 25.59
C SER A 404 -14.50 4.90 25.58
N SER A 405 -13.89 5.19 26.73
CA SER A 405 -12.45 5.37 26.76
C SER A 405 -11.71 4.08 26.40
N ALA A 406 -12.17 2.95 26.95
CA ALA A 406 -11.53 1.68 26.64
C ALA A 406 -11.68 1.35 25.16
N TRP A 407 -12.87 1.57 24.60
CA TRP A 407 -13.08 1.28 23.19
C TRP A 407 -12.23 2.18 22.30
N ALA A 408 -12.10 3.45 22.68
CA ALA A 408 -11.25 4.36 21.91
C ALA A 408 -9.79 3.90 21.96
N VAL A 409 -9.32 3.52 23.15
CA VAL A 409 -7.94 3.06 23.28
C VAL A 409 -7.71 1.82 22.41
N VAL A 410 -8.65 0.87 22.46
CA VAL A 410 -8.52 -0.34 21.66
C VAL A 410 -8.54 -0.02 20.18
N PHE A 411 -9.44 0.87 19.76
CA PHE A 411 -9.55 1.23 18.34
C PHE A 411 -8.26 1.87 17.85
N PHE A 412 -7.67 2.77 18.62
CA PHE A 412 -6.47 3.44 18.17
C PHE A 412 -5.24 2.56 18.27
N ILE A 413 -5.22 1.60 19.21
CA ILE A 413 -4.17 0.59 19.20
C ILE A 413 -4.27 -0.26 17.94
N MET A 414 -5.50 -0.59 17.53
CA MET A 414 -5.68 -1.33 16.28
C MET A 414 -5.20 -0.50 15.09
N LEU A 415 -5.49 0.79 15.08
CA LEU A 415 -5.00 1.64 14.00
C LEU A 415 -3.47 1.66 13.97
N LEU A 416 -2.85 1.77 15.14
CA LEU A 416 -1.40 1.76 15.20
C LEU A 416 -0.83 0.45 14.66
N THR A 417 -1.40 -0.68 15.06
CA THR A 417 -0.89 -1.97 14.61
C THR A 417 -1.17 -2.20 13.13
N LEU A 418 -2.25 -1.62 12.61
CA LEU A 418 -2.53 -1.73 11.19
C LEU A 418 -1.53 -0.93 10.37
N GLY A 419 -1.20 0.28 10.82
CA GLY A 419 -0.29 1.12 10.06
C GLY A 419 1.17 0.76 10.22
N ILE A 420 1.56 0.26 11.39
CA ILE A 420 2.98 0.07 11.69
C ILE A 420 3.55 -1.06 10.85
N ASP A 421 2.80 -2.15 10.68
CA ASP A 421 3.32 -3.27 9.88
C ASP A 421 3.44 -2.89 8.41
N SER A 422 2.51 -2.09 7.89
CA SER A 422 2.63 -1.62 6.51
C SER A 422 3.81 -0.68 6.34
N ALA A 423 4.03 0.22 7.31
CA ALA A 423 5.20 1.08 7.25
C ALA A 423 6.49 0.26 7.32
N MET A 424 6.51 -0.76 8.18
CA MET A 424 7.66 -1.64 8.25
C MET A 424 7.90 -2.34 6.92
N GLY A 425 6.83 -2.81 6.28
CA GLY A 425 6.98 -3.46 4.99
C GLY A 425 7.54 -2.52 3.93
N GLY A 426 7.05 -1.29 3.88
CA GLY A 426 7.55 -0.35 2.89
C GLY A 426 9.01 0.01 3.12
N MET A 427 9.37 0.31 4.37
CA MET A 427 10.76 0.64 4.66
C MET A 427 11.67 -0.58 4.49
N GLU A 428 11.15 -1.78 4.75
CA GLU A 428 11.91 -2.98 4.46
C GLU A 428 12.16 -3.13 2.96
N SER A 429 11.15 -2.84 2.15
CA SER A 429 11.36 -2.82 0.70
C SER A 429 12.49 -1.88 0.34
N VAL A 430 12.43 -0.65 0.84
CA VAL A 430 13.46 0.34 0.50
C VAL A 430 14.84 -0.14 0.92
N ILE A 431 14.97 -0.56 2.18
CA ILE A 431 16.27 -0.92 2.73
C ILE A 431 16.80 -2.17 2.03
N THR A 432 15.98 -3.19 1.85
CA THR A 432 16.43 -4.41 1.19
C THR A 432 16.88 -4.12 -0.24
N GLY A 433 16.07 -3.38 -1.01
CA GLY A 433 16.46 -3.07 -2.37
C GLY A 433 17.77 -2.33 -2.44
N LEU A 434 17.93 -1.28 -1.64
CA LEU A 434 19.14 -0.48 -1.72
C LEU A 434 20.36 -1.24 -1.21
N ILE A 435 20.21 -2.00 -0.11
CA ILE A 435 21.35 -2.76 0.42
C ILE A 435 21.77 -3.83 -0.57
N ASP A 436 20.80 -4.53 -1.18
CA ASP A 436 21.14 -5.54 -2.16
C ASP A 436 21.83 -4.93 -3.38
N GLU A 437 21.35 -3.77 -3.83
CA GLU A 437 22.00 -3.13 -4.97
C GLU A 437 23.45 -2.77 -4.68
N PHE A 438 23.72 -2.13 -3.54
CA PHE A 438 25.05 -1.63 -3.22
C PHE A 438 25.61 -2.42 -2.04
N GLN A 439 26.79 -3.03 -2.24
CA GLN A 439 27.40 -3.84 -1.21
C GLN A 439 28.11 -3.01 -0.15
N LEU A 440 28.32 -1.71 -0.39
CA LEU A 440 28.88 -0.85 0.64
C LEU A 440 27.97 -0.81 1.87
N LEU A 441 26.66 -0.92 1.66
CA LEU A 441 25.68 -0.93 2.74
C LEU A 441 25.35 -2.33 3.23
N HIS A 442 25.94 -3.37 2.62
CA HIS A 442 25.58 -4.74 3.00
C HIS A 442 25.99 -5.03 4.44
N ARG A 443 27.17 -4.63 4.85
CA ARG A 443 27.69 -4.99 6.19
C ARG A 443 27.13 -4.02 7.22
N HIS A 444 26.58 -2.87 6.80
CA HIS A 444 26.03 -1.87 7.72
C HIS A 444 24.54 -1.71 7.42
N ARG A 445 23.72 -2.57 8.01
CA ARG A 445 22.28 -2.41 7.91
C ARG A 445 21.72 -1.54 9.01
N GLU A 446 22.34 -1.53 10.19
CA GLU A 446 21.86 -0.66 11.27
C GLU A 446 22.03 0.80 10.90
N LEU A 447 23.20 1.17 10.39
CA LEU A 447 23.44 2.56 10.04
C LEU A 447 22.60 3.00 8.84
N PHE A 448 22.46 2.13 7.83
CA PHE A 448 21.62 2.49 6.69
C PHE A 448 20.16 2.58 7.08
N THR A 449 19.70 1.69 7.95
CA THR A 449 18.33 1.79 8.46
C THR A 449 18.13 3.08 9.23
N LEU A 450 19.11 3.46 10.05
CA LEU A 450 19.03 4.73 10.77
C LEU A 450 18.96 5.90 9.80
N PHE A 451 19.78 5.88 8.75
CA PHE A 451 19.77 6.96 7.78
C PHE A 451 18.43 7.07 7.08
N ILE A 452 17.90 5.93 6.62
CA ILE A 452 16.62 5.93 5.91
C ILE A 452 15.51 6.42 6.84
N VAL A 453 15.52 5.94 8.09
CA VAL A 453 14.48 6.32 9.03
C VAL A 453 14.56 7.80 9.36
N LEU A 454 15.77 8.34 9.54
CA LEU A 454 15.91 9.76 9.84
C LEU A 454 15.51 10.62 8.65
N ALA A 455 15.83 10.17 7.43
CA ALA A 455 15.38 10.89 6.25
C ALA A 455 13.85 10.90 6.16
N THR A 456 13.24 9.75 6.46
CA THR A 456 11.77 9.69 6.47
C THR A 456 11.20 10.64 7.52
N PHE A 457 11.80 10.67 8.70
CA PHE A 457 11.33 11.56 9.76
C PHE A 457 11.46 13.02 9.34
N LEU A 458 12.60 13.39 8.78
CA LEU A 458 12.81 14.79 8.41
C LEU A 458 11.90 15.22 7.28
N LEU A 459 11.67 14.34 6.31
CA LEU A 459 10.74 14.65 5.23
C LEU A 459 9.28 14.42 5.63
N SER A 460 9.05 13.77 6.77
CA SER A 460 7.70 13.63 7.32
C SER A 460 7.30 14.83 8.18
N LEU A 461 8.21 15.78 8.38
CA LEU A 461 7.92 16.95 9.21
C LEU A 461 7.09 18.00 8.46
N PHE A 462 6.95 17.87 7.14
CA PHE A 462 6.08 18.77 6.41
C PHE A 462 4.61 18.45 6.65
N CYS A 463 4.30 17.20 6.97
CA CYS A 463 2.92 16.76 7.16
C CYS A 463 2.44 16.93 8.60
N VAL A 464 3.31 17.30 9.53
CA VAL A 464 2.93 17.57 10.91
C VAL A 464 2.90 19.06 11.19
N THR A 465 2.96 19.90 10.16
CA THR A 465 2.84 21.34 10.33
C THR A 465 1.36 21.71 10.50
N ASN A 466 1.09 23.01 10.61
CA ASN A 466 -0.29 23.46 10.69
C ASN A 466 -1.05 23.12 9.42
N GLY A 467 -0.43 23.34 8.27
CA GLY A 467 -1.03 22.98 6.99
C GLY A 467 -0.53 21.65 6.49
N GLY A 468 -0.31 20.71 7.41
CA GLY A 468 0.23 19.41 7.03
C GLY A 468 -0.75 18.50 6.33
N ILE A 469 -2.06 18.71 6.53
CA ILE A 469 -3.03 17.88 5.83
C ILE A 469 -2.95 18.13 4.33
N TYR A 470 -2.58 19.33 3.91
CA TYR A 470 -2.49 19.61 2.48
C TYR A 470 -1.31 18.86 1.85
N VAL A 471 -0.15 18.87 2.51
CA VAL A 471 0.98 18.09 2.03
C VAL A 471 0.64 16.61 2.05
N PHE A 472 -0.02 16.16 3.11
CA PHE A 472 -0.43 14.76 3.20
C PHE A 472 -1.34 14.38 2.05
N THR A 473 -2.32 15.23 1.73
CA THR A 473 -3.24 14.97 0.63
C THR A 473 -2.51 14.94 -0.70
N LEU A 474 -1.60 15.90 -0.92
CA LEU A 474 -0.84 15.91 -2.17
C LEU A 474 -0.05 14.63 -2.34
N LEU A 475 0.69 14.23 -1.30
CA LEU A 475 1.49 13.01 -1.40
C LEU A 475 0.60 11.78 -1.56
N ASP A 476 -0.48 11.69 -0.80
CA ASP A 476 -1.37 10.53 -0.90
C ASP A 476 -1.97 10.43 -2.29
N HIS A 477 -2.24 11.56 -2.94
CA HIS A 477 -2.79 11.53 -4.28
C HIS A 477 -1.73 11.14 -5.30
N PHE A 478 -0.50 11.67 -5.15
CA PHE A 478 0.50 11.53 -6.19
C PHE A 478 1.63 10.57 -5.86
N ALA A 479 1.85 10.24 -4.59
CA ALA A 479 3.00 9.41 -4.24
C ALA A 479 2.91 8.04 -4.90
N ALA A 480 1.78 7.35 -4.72
CA ALA A 480 1.54 6.04 -5.32
C ALA A 480 0.18 6.09 -6.00
N GLY A 481 0.15 6.62 -7.21
CA GLY A 481 -1.04 6.65 -8.02
C GLY A 481 -0.82 5.90 -9.32
N THR A 482 -0.72 6.66 -10.43
CA THR A 482 -0.32 6.07 -11.69
C THR A 482 1.08 5.49 -11.63
N SER A 483 1.89 5.94 -10.67
CA SER A 483 3.26 5.42 -10.55
C SER A 483 3.23 3.93 -10.23
N ILE A 484 2.39 3.51 -9.29
CA ILE A 484 2.31 2.11 -8.93
C ILE A 484 1.85 1.28 -10.13
N LEU A 485 0.82 1.77 -10.81
CA LEU A 485 0.28 1.03 -11.95
C LEU A 485 1.32 0.90 -13.06
N PHE A 486 2.05 1.98 -13.35
CA PHE A 486 3.08 1.93 -14.38
C PHE A 486 4.21 0.99 -13.99
N GLY A 487 4.63 1.04 -12.72
CA GLY A 487 5.67 0.14 -12.27
C GLY A 487 5.27 -1.31 -12.39
N VAL A 488 4.05 -1.64 -11.98
CA VAL A 488 3.58 -3.02 -12.06
C VAL A 488 3.44 -3.43 -13.53
N LEU A 489 2.99 -2.52 -14.39
CA LEU A 489 2.85 -2.85 -15.81
C LEU A 489 4.21 -3.17 -16.42
N ILE A 490 5.21 -2.32 -16.16
CA ILE A 490 6.53 -2.56 -16.74
C ILE A 490 7.14 -3.82 -16.15
N GLU A 491 6.91 -4.08 -14.86
CA GLU A 491 7.41 -5.30 -14.26
C GLU A 491 6.79 -6.53 -14.91
N ALA A 492 5.47 -6.51 -15.13
CA ALA A 492 4.81 -7.63 -15.78
C ALA A 492 5.32 -7.83 -17.20
N ILE A 493 5.52 -6.74 -17.93
CA ILE A 493 6.05 -6.84 -19.29
C ILE A 493 7.44 -7.46 -19.28
N GLY A 494 8.28 -6.99 -18.36
CA GLY A 494 9.65 -7.50 -18.30
C GLY A 494 9.71 -8.96 -17.90
N VAL A 495 8.81 -9.38 -17.00
CA VAL A 495 8.85 -10.76 -16.53
C VAL A 495 8.20 -11.72 -17.53
N ALA A 496 7.18 -11.26 -18.25
CA ALA A 496 6.40 -12.15 -19.11
C ALA A 496 6.76 -12.05 -20.59
N TRP A 497 7.36 -10.95 -21.03
CA TRP A 497 7.73 -10.77 -22.43
C TRP A 497 9.23 -10.76 -22.64
N PHE A 498 9.95 -9.88 -21.96
CA PHE A 498 11.40 -9.83 -22.12
C PHE A 498 12.05 -11.10 -21.60
N TYR A 499 11.66 -11.54 -20.39
CA TYR A 499 12.20 -12.76 -19.82
C TYR A 499 11.50 -13.98 -20.39
N GLY A 500 10.17 -13.93 -20.53
CA GLY A 500 9.41 -15.03 -21.07
C GLY A 500 8.66 -15.79 -20.00
N VAL A 501 7.36 -16.04 -20.24
CA VAL A 501 6.60 -16.85 -19.30
C VAL A 501 7.12 -18.27 -19.27
N GLY A 502 7.74 -18.74 -20.36
CA GLY A 502 8.32 -20.07 -20.35
C GLY A 502 9.47 -20.18 -19.36
N GLN A 503 10.39 -19.20 -19.39
CA GLN A 503 11.53 -19.24 -18.48
C GLN A 503 11.08 -18.96 -17.04
N PHE A 504 10.12 -18.07 -16.86
CA PHE A 504 9.58 -17.83 -15.52
C PHE A 504 8.93 -19.09 -14.97
N SER A 505 8.19 -19.81 -15.81
CA SER A 505 7.57 -21.05 -15.39
C SER A 505 8.61 -22.11 -15.08
N ASP A 506 9.68 -22.17 -15.86
CA ASP A 506 10.76 -23.11 -15.56
C ASP A 506 11.42 -22.77 -14.23
N ASP A 507 11.61 -21.49 -13.94
CA ASP A 507 12.15 -21.09 -12.64
C ASP A 507 11.22 -21.49 -11.51
N ILE A 508 9.92 -21.28 -11.69
CA ILE A 508 8.96 -21.65 -10.65
C ILE A 508 8.94 -23.17 -10.46
N GLN A 509 9.09 -23.92 -11.54
CA GLN A 509 9.17 -25.37 -11.42
C GLN A 509 10.43 -25.79 -10.67
N GLN A 510 11.55 -25.12 -10.96
CA GLN A 510 12.79 -25.41 -10.25
C GLN A 510 12.63 -25.14 -8.76
N MET A 511 11.95 -24.05 -8.40
CA MET A 511 11.77 -23.72 -7.00
C MET A 511 10.81 -24.69 -6.32
N THR A 512 9.56 -24.72 -6.77
CA THR A 512 8.49 -25.43 -6.09
C THR A 512 8.31 -26.87 -6.58
N GLY A 513 8.74 -27.17 -7.81
CA GLY A 513 8.56 -28.49 -8.38
C GLY A 513 7.34 -28.64 -9.25
N GLN A 514 6.41 -27.69 -9.21
CA GLN A 514 5.22 -27.70 -10.05
C GLN A 514 5.27 -26.52 -11.00
N ARG A 515 5.18 -26.80 -12.29
CA ARG A 515 5.23 -25.75 -13.30
C ARG A 515 3.89 -25.04 -13.39
N PRO A 516 3.87 -23.71 -13.49
CA PRO A 516 2.59 -23.00 -13.60
C PRO A 516 1.78 -23.50 -14.79
N SER A 517 0.47 -23.62 -14.57
CA SER A 517 -0.42 -24.12 -15.62
C SER A 517 -0.58 -23.08 -16.72
N LEU A 518 -1.32 -23.45 -17.76
CA LEU A 518 -1.53 -22.55 -18.88
C LEU A 518 -2.30 -21.30 -18.46
N TYR A 519 -3.20 -21.43 -17.49
CA TYR A 519 -3.96 -20.27 -17.04
C TYR A 519 -3.05 -19.19 -16.48
N TRP A 520 -2.10 -19.58 -15.63
CA TRP A 520 -1.18 -18.62 -15.06
C TRP A 520 -0.31 -17.98 -16.13
N ARG A 521 0.19 -18.78 -17.06
CA ARG A 521 1.06 -18.24 -18.11
C ARG A 521 0.29 -17.25 -18.98
N LEU A 522 -0.94 -17.58 -19.36
CA LEU A 522 -1.74 -16.67 -20.17
C LEU A 522 -2.07 -15.39 -19.40
N CYS A 523 -2.39 -15.51 -18.11
CA CYS A 523 -2.67 -14.32 -17.31
C CYS A 523 -1.45 -13.43 -17.22
N TRP A 524 -0.27 -14.01 -17.00
CA TRP A 524 0.95 -13.22 -16.93
C TRP A 524 1.26 -12.55 -18.26
N LYS A 525 1.06 -13.27 -19.37
CA LYS A 525 1.54 -12.80 -20.66
C LYS A 525 0.57 -11.82 -21.32
N LEU A 526 -0.73 -12.12 -21.30
CA LEU A 526 -1.72 -11.35 -22.04
C LEU A 526 -2.68 -10.58 -21.15
N VAL A 527 -3.36 -11.27 -20.22
CA VAL A 527 -4.43 -10.61 -19.48
C VAL A 527 -3.88 -9.54 -18.55
N SER A 528 -2.82 -9.86 -17.80
CA SER A 528 -2.30 -8.92 -16.82
C SER A 528 -1.75 -7.65 -17.47
N PRO A 529 -0.91 -7.73 -18.51
CA PRO A 529 -0.46 -6.47 -19.13
C PRO A 529 -1.58 -5.63 -19.71
N CYS A 530 -2.57 -6.25 -20.35
CA CYS A 530 -3.68 -5.50 -20.91
C CYS A 530 -4.50 -4.83 -19.80
N PHE A 531 -4.78 -5.57 -18.73
CA PHE A 531 -5.52 -5.02 -17.61
C PHE A 531 -4.77 -3.85 -16.97
N LEU A 532 -3.46 -4.00 -16.78
CA LEU A 532 -2.68 -2.93 -16.16
C LEU A 532 -2.61 -1.72 -17.08
N LEU A 533 -2.46 -1.93 -18.39
CA LEU A 533 -2.46 -0.80 -19.31
C LEU A 533 -3.79 -0.07 -19.30
N PHE A 534 -4.90 -0.81 -19.27
CA PHE A 534 -6.22 -0.19 -19.19
C PHE A 534 -6.35 0.62 -17.91
N VAL A 535 -5.90 0.07 -16.79
CA VAL A 535 -6.03 0.79 -15.52
C VAL A 535 -5.16 2.04 -15.53
N VAL A 536 -3.95 1.96 -16.09
CA VAL A 536 -3.10 3.14 -16.19
C VAL A 536 -3.78 4.20 -17.04
N VAL A 537 -4.36 3.80 -18.17
CA VAL A 537 -4.97 4.76 -19.08
C VAL A 537 -6.16 5.44 -18.41
N VAL A 538 -7.00 4.67 -17.73
CA VAL A 538 -8.17 5.27 -17.09
C VAL A 538 -7.75 6.16 -15.91
N SER A 539 -6.72 5.74 -15.17
CA SER A 539 -6.25 6.57 -14.06
C SER A 539 -5.72 7.91 -14.57
N ILE A 540 -5.00 7.90 -15.69
CA ILE A 540 -4.51 9.15 -16.25
C ILE A 540 -5.65 9.98 -16.81
N VAL A 541 -6.57 9.34 -17.54
CA VAL A 541 -7.62 10.08 -18.22
C VAL A 541 -8.62 10.66 -17.22
N THR A 542 -9.03 9.86 -16.24
CA THR A 542 -10.01 10.29 -15.23
C THR A 542 -9.35 10.95 -14.02
N PHE A 543 -8.18 11.54 -14.20
CA PHE A 543 -7.48 12.18 -13.09
C PHE A 543 -8.27 13.39 -12.60
N ARG A 544 -8.41 13.51 -11.29
CA ARG A 544 -9.05 14.65 -10.66
C ARG A 544 -8.06 15.23 -9.65
N PRO A 545 -7.83 16.56 -9.66
CA PRO A 545 -6.83 17.11 -8.76
C PRO A 545 -7.21 16.88 -7.32
N PRO A 546 -6.23 16.75 -6.43
CA PRO A 546 -6.55 16.51 -5.01
C PRO A 546 -7.23 17.71 -4.38
N HIS A 547 -8.00 17.43 -3.32
CA HIS A 547 -8.70 18.46 -2.60
C HIS A 547 -8.95 18.00 -1.17
N TYR A 548 -8.99 18.95 -0.25
CA TYR A 548 -9.37 18.70 1.13
C TYR A 548 -10.44 19.69 1.53
N GLY A 549 -11.65 19.19 1.81
CA GLY A 549 -12.73 20.08 2.18
C GLY A 549 -12.98 21.11 1.10
N ALA A 550 -13.07 22.37 1.52
CA ALA A 550 -13.30 23.46 0.59
C ALA A 550 -12.01 23.97 -0.06
N TYR A 551 -10.86 23.43 0.32
CA TYR A 551 -9.59 23.89 -0.22
C TYR A 551 -9.39 23.34 -1.63
N ILE A 552 -9.01 24.23 -2.55
CA ILE A 552 -8.68 23.87 -3.92
C ILE A 552 -7.16 24.04 -4.07
N PHE A 553 -6.47 22.95 -4.35
CA PHE A 553 -5.02 23.02 -4.45
C PHE A 553 -4.62 23.93 -5.60
N PRO A 554 -3.59 24.77 -5.44
CA PRO A 554 -3.19 25.66 -6.53
C PRO A 554 -2.58 24.88 -7.68
N ASP A 555 -2.45 25.58 -8.81
CA ASP A 555 -1.91 24.94 -10.01
C ASP A 555 -0.48 24.45 -9.78
N TRP A 556 0.35 25.26 -9.13
CA TRP A 556 1.72 24.85 -8.87
C TRP A 556 1.76 23.63 -7.96
N ALA A 557 0.79 23.50 -7.05
CA ALA A 557 0.72 22.31 -6.21
C ALA A 557 0.46 21.07 -7.06
N ASN A 558 -0.46 21.17 -8.02
CA ASN A 558 -0.71 20.05 -8.91
C ASN A 558 0.51 19.72 -9.77
N ALA A 559 1.22 20.75 -10.24
CA ALA A 559 2.43 20.51 -11.00
C ALA A 559 3.48 19.79 -10.17
N LEU A 560 3.66 20.21 -8.91
CA LEU A 560 4.60 19.55 -8.02
C LEU A 560 4.17 18.11 -7.74
N GLY A 561 2.87 17.89 -7.59
CA GLY A 561 2.39 16.53 -7.40
C GLY A 561 2.66 15.64 -8.61
N TRP A 562 2.48 16.18 -9.81
CA TRP A 562 2.78 15.41 -11.01
C TRP A 562 4.27 15.15 -11.13
N VAL A 563 5.10 16.11 -10.72
CA VAL A 563 6.54 15.89 -10.70
C VAL A 563 6.89 14.77 -9.73
N ILE A 564 6.25 14.76 -8.56
CA ILE A 564 6.50 13.69 -7.59
C ILE A 564 6.08 12.34 -8.17
N ALA A 565 4.92 12.29 -8.82
CA ALA A 565 4.44 11.04 -9.39
C ALA A 565 5.37 10.55 -10.50
N THR A 566 5.86 11.46 -11.34
CA THR A 566 6.69 11.10 -12.47
C THR A 566 8.15 10.84 -12.08
N SER A 567 8.62 11.29 -10.93
CA SER A 567 10.02 11.09 -10.49
C SER A 567 10.25 9.62 -10.19
N SER A 568 9.23 8.91 -9.72
CA SER A 568 9.32 7.46 -9.49
C SER A 568 9.44 6.84 -10.86
N MET A 569 8.42 6.98 -11.71
CA MET A 569 8.33 6.35 -13.06
C MET A 569 9.48 6.69 -14.01
N ALA A 570 10.11 7.88 -13.97
CA ALA A 570 11.18 8.24 -14.88
C ALA A 570 12.44 7.41 -14.69
N MET A 571 12.55 6.66 -13.59
CA MET A 571 13.72 5.83 -13.39
C MET A 571 13.80 4.71 -14.43
N VAL A 572 12.65 4.30 -14.96
CA VAL A 572 12.62 3.23 -15.97
C VAL A 572 13.33 3.73 -17.23
N PRO A 573 12.85 4.79 -17.89
CA PRO A 573 13.59 5.31 -19.05
C PRO A 573 15.00 5.77 -18.71
N ILE A 574 15.19 6.38 -17.54
CA ILE A 574 16.52 6.90 -17.20
C ILE A 574 17.52 5.75 -17.08
N TYR A 575 17.16 4.72 -16.31
CA TYR A 575 18.07 3.60 -16.18
C TYR A 575 18.21 2.83 -17.48
N ALA A 576 17.14 2.75 -18.28
CA ALA A 576 17.26 2.09 -19.57
C ALA A 576 18.29 2.78 -20.44
N ALA A 577 18.24 4.11 -20.50
CA ALA A 577 19.22 4.86 -21.28
C ALA A 577 20.63 4.69 -20.71
N TYR A 578 20.76 4.75 -19.38
CA TYR A 578 22.08 4.60 -18.78
C TYR A 578 22.67 3.23 -19.08
N LYS A 579 21.85 2.17 -18.95
CA LYS A 579 22.33 0.82 -19.21
C LYS A 579 22.68 0.64 -20.68
N PHE A 580 21.85 1.18 -21.58
CA PHE A 580 22.14 1.04 -23.00
C PHE A 580 23.42 1.76 -23.37
N CYS A 581 23.67 2.93 -22.80
CA CYS A 581 24.89 3.66 -23.11
C CYS A 581 26.12 3.04 -22.45
N SER A 582 25.94 2.43 -21.27
CA SER A 582 27.08 1.89 -20.54
C SER A 582 27.63 0.63 -21.20
N LEU A 583 26.75 -0.21 -21.74
CA LEU A 583 27.18 -1.49 -22.27
C LEU A 583 28.11 -1.27 -23.47
N PRO A 584 29.29 -1.88 -23.48
CA PRO A 584 30.17 -1.72 -24.65
C PRO A 584 29.67 -2.50 -25.85
N GLY A 585 30.03 -2.03 -27.03
CA GLY A 585 29.67 -2.67 -28.28
C GLY A 585 28.84 -1.75 -29.16
N SER A 586 28.38 -2.30 -30.31
CA SER A 586 27.52 -1.58 -31.30
C SER A 586 26.09 -1.52 -30.75
N PHE A 587 25.06 -1.19 -31.53
CA PHE A 587 23.67 -1.01 -31.03
C PHE A 587 22.97 -2.38 -31.03
N ARG A 588 23.54 -3.43 -31.62
CA ARG A 588 22.97 -4.81 -31.61
C ARG A 588 23.62 -5.56 -30.45
N GLU A 589 24.88 -5.27 -30.09
CA GLU A 589 25.51 -5.85 -28.90
C GLU A 589 24.92 -5.23 -27.64
N LYS A 590 24.74 -3.91 -27.62
CA LYS A 590 24.18 -3.26 -26.45
C LYS A 590 22.77 -3.77 -26.17
N LEU A 591 21.94 -3.88 -27.20
CA LEU A 591 20.58 -4.37 -27.01
C LEU A 591 20.58 -5.81 -26.52
N ALA A 592 21.45 -6.66 -27.09
CA ALA A 592 21.50 -8.05 -26.68
C ALA A 592 21.91 -8.18 -25.23
N TYR A 593 22.92 -7.42 -24.80
CA TYR A 593 23.38 -7.49 -23.42
C TYR A 593 22.45 -6.78 -22.45
N ALA A 594 21.58 -5.90 -22.95
CA ALA A 594 20.63 -5.19 -22.09
C ALA A 594 19.35 -5.97 -21.86
N ILE A 595 18.79 -6.59 -22.90
CA ILE A 595 17.52 -7.29 -22.74
C ILE A 595 17.71 -8.73 -22.32
N ALA A 596 18.78 -9.39 -22.75
CA ALA A 596 18.98 -10.78 -22.42
C ALA A 596 19.24 -10.94 -20.93
N PRO A 597 18.76 -12.03 -20.31
CA PRO A 597 19.06 -12.26 -18.90
C PRO A 597 20.55 -12.45 -18.67
N GLU A 598 21.03 -12.13 -17.48
CA GLU A 598 22.45 -12.27 -17.11
C GLU A 598 22.80 -13.75 -16.98
N LYS A 599 21.81 -14.62 -16.76
CA LYS A 599 22.02 -16.08 -16.63
C LYS A 599 22.30 -16.67 -18.01
N ASP A 600 21.94 -15.97 -19.06
CA ASP A 600 22.14 -16.44 -20.46
C ASP A 600 23.40 -15.79 -21.02
N ARG A 601 24.30 -15.22 -20.22
CA ARG A 601 25.46 -14.49 -20.73
C ARG A 601 26.23 -15.33 -21.74
N GLU A 602 26.56 -16.58 -21.39
CA GLU A 602 27.31 -17.42 -22.32
C GLU A 602 26.64 -17.46 -23.69
N LEU A 603 25.33 -17.72 -23.71
CA LEU A 603 24.63 -17.77 -24.99
C LEU A 603 24.77 -16.45 -25.74
N VAL A 604 24.61 -15.33 -25.03
CA VAL A 604 24.71 -14.03 -25.68
C VAL A 604 26.10 -13.86 -26.29
N ASP A 605 27.12 -14.46 -25.67
CA ASP A 605 28.47 -14.37 -26.22
C ASP A 605 28.56 -15.06 -27.58
N ARG A 606 27.85 -16.18 -27.73
CA ARG A 606 27.91 -16.92 -29.00
C ARG A 606 26.98 -16.33 -30.06
N GLY A 607 26.12 -15.39 -29.68
CA GLY A 607 25.15 -14.85 -30.62
C GLY A 607 23.89 -15.69 -30.65
N GLU A 608 23.37 -16.03 -29.48
CA GLU A 608 22.20 -16.88 -29.33
C GLU A 608 21.16 -16.18 -28.45
N VAL A 609 20.87 -14.93 -28.79
CA VAL A 609 19.93 -14.14 -28.00
C VAL A 609 18.51 -14.64 -28.27
N ARG A 610 17.84 -15.11 -27.22
CA ARG A 610 16.46 -15.56 -27.36
C ARG A 610 15.54 -14.40 -27.75
N GLN A 611 15.75 -13.23 -27.13
CA GLN A 611 14.86 -12.09 -27.36
C GLN A 611 14.94 -11.56 -28.77
N PHE A 612 15.95 -11.94 -29.56
CA PHE A 612 16.06 -11.51 -30.94
C PHE A 612 15.27 -12.38 -31.91
N THR A 613 14.60 -13.41 -31.40
CA THR A 613 13.81 -14.32 -32.24
C THR A 613 12.33 -14.06 -32.02
N LEU A 614 11.59 -13.92 -33.13
CA LEU A 614 10.15 -13.73 -33.05
C LEU A 614 9.47 -14.86 -32.28
N ARG A 615 10.01 -16.07 -32.39
CA ARG A 615 9.44 -17.21 -31.69
C ARG A 615 9.40 -16.98 -30.19
N HIS A 616 10.44 -16.35 -29.64
CA HIS A 616 10.47 -16.08 -28.21
C HIS A 616 9.32 -15.19 -27.79
N TRP A 617 9.05 -14.13 -28.57
CA TRP A 617 8.02 -13.18 -28.18
C TRP A 617 6.62 -13.77 -28.37
N LEU A 618 6.42 -14.56 -29.42
CA LEU A 618 5.11 -15.16 -29.63
C LEU A 618 4.86 -16.42 -28.81
N LYS A 619 5.85 -16.89 -28.06
CA LYS A 619 5.66 -18.05 -27.21
C LYS A 619 4.83 -17.68 -25.98
N VAL A 620 4.18 -18.69 -25.42
CA VAL A 620 3.41 -18.53 -24.19
C VAL A 620 3.84 -19.55 -23.15
C1 CLR B . -1.06 -19.01 9.66
C2 CLR B . -0.29 -19.88 8.66
C3 CLR B . -1.22 -20.58 7.70
C4 CLR B . -2.05 -19.55 6.96
C5 CLR B . -2.80 -18.65 7.92
C6 CLR B . -4.11 -18.49 7.83
C7 CLR B . -4.89 -17.38 8.47
C8 CLR B . -4.07 -16.53 9.44
C9 CLR B . -2.95 -17.38 10.07
C10 CLR B . -1.97 -17.96 9.00
C11 CLR B . -2.22 -16.64 11.19
C12 CLR B . -3.18 -16.11 12.27
C13 CLR B . -4.25 -15.20 11.66
C14 CLR B . -4.96 -16.00 10.55
C15 CLR B . -6.17 -15.14 10.19
C16 CLR B . -6.59 -14.51 11.54
C17 CLR B . -5.49 -14.89 12.57
C18 CLR B . -3.64 -13.89 11.14
C19 CLR B . -1.13 -16.85 8.34
C20 CLR B . -5.37 -13.88 13.70
C21 CLR B . -4.28 -14.23 14.71
C22 CLR B . -6.72 -13.73 14.42
C23 CLR B . -6.73 -14.10 15.87
C24 CLR B . -7.75 -13.34 16.67
C25 CLR B . -9.12 -13.99 16.78
C26 CLR B . -9.95 -13.73 15.53
C27 CLR B . -9.87 -13.52 18.01
O1 CLR B . -0.45 -21.35 6.75
CAA Y01 C . -13.72 -10.20 -1.29
CBA Y01 C . -14.17 -11.43 -0.51
CAB Y01 C . -15.40 -12.05 -1.13
CAN Y01 C . -13.03 -12.44 -0.36
CAJ Y01 C . -12.83 -13.37 -1.54
CAO Y01 C . -11.57 -13.09 -2.31
CBB Y01 C . -10.53 -14.23 -2.36
CAC Y01 C . -10.98 -15.40 -1.48
CBE Y01 C . -10.26 -14.62 -3.82
CAP Y01 C . -9.70 -13.43 -4.64
CAQ Y01 C . -8.82 -14.03 -5.75
CBG Y01 C . -9.06 -15.53 -5.66
CBI Y01 C . -9.28 -15.78 -4.16
CAE Y01 C . -7.97 -15.61 -3.38
CAU Y01 C . -9.83 -17.20 -4.02
CAS Y01 C . -8.91 -18.25 -4.69
CBF Y01 C . -8.56 -17.92 -6.15
CBD Y01 C . -8.06 -16.48 -6.31
CAK Y01 C . -7.86 -16.13 -7.77
CAI Y01 C . -7.24 -17.24 -8.56
CAZ Y01 C . -7.07 -18.47 -8.12
CAV Y01 C . -6.34 -19.49 -8.96
CBH Y01 C . -7.59 -18.96 -6.77
CAD Y01 C . -6.38 -19.19 -5.84
CAT Y01 C . -8.32 -20.30 -6.98
CAR Y01 C . -7.53 -21.32 -7.80
CBC Y01 C . -7.16 -20.74 -9.14
OAW Y01 C . -6.34 -21.70 -9.88
CAY Y01 C . -6.66 -21.93 -11.15
OAG Y01 C . -7.34 -21.21 -11.82
CAM Y01 C . -6.05 -23.21 -11.64
CAL Y01 C . -4.60 -23.17 -12.06
CAX Y01 C . -3.70 -24.16 -11.34
OAH Y01 C . -2.50 -24.22 -11.69
OAF Y01 C . -4.19 -24.87 -10.45
C1 CLR D . 25.77 4.05 -3.84
C2 CLR D . 26.77 4.97 -4.57
C3 CLR D . 28.11 5.01 -3.84
C4 CLR D . 27.88 4.97 -2.33
C5 CLR D . 26.49 5.46 -1.95
C6 CLR D . 26.31 6.58 -1.24
C7 CLR D . 25.01 7.34 -1.22
C8 CLR D . 23.81 6.39 -1.33
C9 CLR D . 24.02 5.44 -2.55
C10 CLR D . 25.34 4.59 -2.44
C11 CLR D . 22.75 4.62 -2.84
C12 CLR D . 21.46 5.45 -2.94
C13 CLR D . 21.22 6.29 -1.66
C14 CLR D . 22.49 7.16 -1.48
C15 CLR D . 22.10 8.16 -0.38
C16 CLR D . 20.60 8.46 -0.67
C17 CLR D . 20.11 7.40 -1.74
C18 CLR D . 20.94 5.35 -0.45
C19 CLR D . 25.17 3.42 -1.44
C20 CLR D . 18.60 7.06 -1.58
C21 CLR D . 18.14 5.92 -2.52
C22 CLR D . 17.71 8.31 -1.77
C23 CLR D . 17.24 9.05 -0.49
C24 CLR D . 16.42 10.33 -0.80
C25 CLR D . 16.17 11.29 0.39
C26 CLR D . 15.28 10.63 1.47
C27 CLR D . 15.54 12.63 -0.09
O1 CLR D . 28.97 3.92 -4.27
H11 CLR D . 24.96 3.92 -4.40
H12 CLR D . 26.17 3.16 -3.74
H21 CLR D . 26.89 4.67 -5.50
H22 CLR D . 26.38 5.88 -4.63
H3 CLR D . 28.59 5.85 -4.09
H41 CLR D . 28.56 5.50 -1.84
H42 CLR D . 27.97 4.05 -2.00
H6 CLR D . 27.04 6.91 -0.74
H71 CLR D . 25.00 7.97 -1.96
H72 CLR D . 24.95 7.86 -0.38
H8 CLR D . 23.76 5.83 -0.51
H9 CLR D . 24.15 6.06 -3.33
H111 CLR D . 22.65 3.95 -2.13
H112 CLR D . 22.88 4.11 -3.67
H121 CLR D . 20.68 4.87 -3.10
H122 CLR D . 21.52 6.07 -3.71
H14 CLR D . 22.60 7.69 -2.33
H151 CLR D . 22.67 8.98 -0.41
H152 CLR D . 22.23 7.75 0.51
H161 CLR D . 20.47 9.38 -1.01
H162 CLR D . 20.06 8.37 0.14
H17 CLR D . 20.21 7.81 -2.65
H181 CLR D . 20.27 4.70 -0.69
H182 CLR D . 20.62 5.86 0.32
H183 CLR D . 21.74 4.88 -0.20
H191 CLR D . 24.59 2.75 -1.81
H192 CLR D . 24.78 3.75 -0.61
H193 CLR D . 26.03 3.01 -1.24
H20 CLR D . 18.48 6.74 -0.63
H211 CLR D . 18.32 6.17 -3.44
H212 CLR D . 17.18 5.76 -2.42
H213 CLR D . 18.62 5.09 -2.32
H221 CLR D . 16.90 8.06 -2.28
H222 CLR D . 18.20 8.96 -2.34
H231 CLR D . 18.02 9.30 0.05
H232 CLR D . 16.70 8.43 0.07
H241 CLR D . 15.54 10.06 -1.17
H242 CLR D . 16.88 10.82 -1.52
H25 CLR D . 17.08 11.49 0.81
H261 CLR D . 14.47 10.31 1.05
H262 CLR D . 15.04 11.28 2.16
H263 CLR D . 15.73 9.87 1.89
H271 CLR D . 14.62 12.47 -0.39
H272 CLR D . 16.06 13.00 -0.84
H273 CLR D . 15.51 13.28 0.64
H1 CLR D . 28.66 3.15 -4.11
C1 CLR E . 6.53 23.53 1.60
C2 CLR E . 5.99 24.98 1.67
C3 CLR E . 6.46 25.76 0.45
C4 CLR E . 5.99 25.04 -0.82
C5 CLR E . 6.39 23.57 -0.87
C6 CLR E . 6.96 23.06 -1.95
C7 CLR E . 7.68 21.74 -1.97
C8 CLR E . 6.97 20.73 -1.06
C9 CLR E . 6.77 21.33 0.35
C10 CLR E . 6.05 22.72 0.36
C11 CLR E . 6.14 20.27 1.29
C12 CLR E . 6.93 18.93 1.31
C13 CLR E . 7.08 18.31 -0.09
C14 CLR E . 7.74 19.42 -0.97
C15 CLR E . 8.13 18.68 -2.25
C16 CLR E . 8.49 17.24 -1.77
C17 CLR E . 8.14 17.17 -0.24
C18 CLR E . 5.70 17.84 -0.63
C19 CLR E . 4.51 22.54 0.38
C20 CLR E . 7.82 15.72 0.26
C21 CLR E . 7.75 15.62 1.79
C22 CLR E . 8.81 14.67 -0.33
C23 CLR E . 8.28 13.85 -1.57
C24 CLR E . 9.41 13.13 -2.37
C25 CLR E . 10.50 14.04 -3.05
C26 CLR E . 9.93 14.76 -4.29
C27 CLR E . 11.77 13.22 -3.43
O1 CLR E . 6.01 27.12 0.49
H11 CLR E . 7.50 23.56 1.60
H12 CLR E . 6.27 23.04 2.41
H21 CLR E . 5.01 24.97 1.68
H22 CLR E . 6.29 25.42 2.50
H3 CLR E . 7.47 25.78 0.45
H41 CLR E . 6.34 25.51 -1.62
H42 CLR E . 5.02 25.10 -0.86
H6 CLR E . 6.89 23.55 -2.76
H71 CLR E . 8.60 21.88 -1.65
H72 CLR E . 7.74 21.39 -2.89
H8 CLR E . 6.06 20.54 -1.44
H9 CLR E . 7.69 21.48 0.69
H111 CLR E . 5.23 20.08 0.99
H112 CLR E . 6.07 20.64 2.20
H121 CLR E . 6.48 18.29 1.91
H122 CLR E . 7.82 19.09 1.68
H14 CLR E . 8.61 19.66 -0.50
H151 CLR E . 8.88 19.13 -2.73
H152 CLR E . 7.36 18.68 -2.87
H161 CLR E . 9.44 17.03 -1.92
H162 CLR E . 7.98 16.57 -2.26
H17 CLR E . 8.94 17.46 0.28
H181 CLR E . 5.30 17.20 -0.01
H182 CLR E . 5.78 17.41 -1.50
H183 CLR E . 5.09 18.59 -0.72
H191 CLR E . 4.24 21.93 -0.32
H192 CLR E . 4.05 23.39 0.23
H193 CLR E . 4.22 22.20 1.24
H20 CLR E . 6.92 15.50 -0.10
H211 CLR E . 8.59 15.92 2.19
H212 CLR E . 7.61 14.68 2.07
H213 CLR E . 7.03 16.16 2.16
H221 CLR E . 9.06 14.04 0.38
H222 CLR E . 9.64 15.13 -0.57
H231 CLR E . 7.80 14.46 -2.18
H232 CLR E . 7.60 13.19 -1.26
H241 CLR E . 9.01 12.56 -3.08
H242 CLR E . 9.87 12.50 -1.76
H25 CLR E . 10.77 14.73 -2.38
H261 CLR E . 10.62 15.30 -4.73
H262 CLR E . 9.19 15.35 -4.04
H263 CLR E . 9.60 14.11 -4.94
H271 CLR E . 11.55 12.61 -4.15
H272 CLR E . 12.09 12.71 -2.66
H273 CLR E . 12.49 13.82 -3.72
H1 CLR E . 5.16 27.22 0.50
NA NA F . -0.53 -3.19 7.66
CL CL G . -8.36 -5.99 -1.17
C1 COC H . -0.19 4.24 0.98
O5 COC H . -0.22 3.07 0.16
C6 COC H . -0.64 1.91 0.76
O7 COC H . -1.42 2.12 1.70
C8 COC H . -0.16 0.52 0.31
C10 COC H . -1.42 -0.39 -0.02
N12 COC H . -2.15 -0.79 1.17
C14 COC H . -3.48 -1.36 0.81
C18 COC H . -1.02 -1.78 -0.65
C21 COC H . -1.00 -2.74 0.60
C24 COC H . -1.32 -1.79 1.76
C26 COC H . -0.03 -1.16 2.37
C29 COC H . 0.79 -0.25 1.36
O1 COC H . 1.62 0.69 2.09
C2 COC H . 2.92 0.98 1.76
O3 COC H . 3.33 0.43 0.70
C4 COC H . 3.85 1.88 2.56
C5 COC H . 5.12 2.21 2.05
C7 COC H . 6.00 3.05 2.78
C9 COC H . 5.61 3.56 4.04
C11 COC H . 4.35 3.23 4.55
C13 COC H . 3.48 2.40 3.81
H2 COC H . -1.18 4.62 1.24
H3 COC H . 0.35 4.05 1.93
H4 COC H . 0.39 5.02 0.45
H9 COC H . 0.33 0.62 -0.68
H11 COC H . -2.18 0.17 -0.64
H15 COC H . -3.62 -2.40 1.17
H16 COC H . -3.59 -1.42 -0.29
H17 COC H . -4.23 -0.71 1.27
H19 COC H . -0.05 -1.73 -1.17
H20 COC H . -1.74 -2.15 -1.42
H22 COC H . -1.74 -3.57 0.49
H23 COC H . -0.03 -3.25 0.73
H25 COC H . -1.99 -2.24 2.57
H27 COC H . 0.56 -2.01 2.74
H28 COC H . -0.31 -0.57 3.29
H30 COC H . 1.48 -0.89 0.76
H6 COC H . 5.47 1.83 1.06
H8 COC H . 7.01 3.31 2.37
H10 COC H . 6.29 4.21 4.62
H12 COC H . 4.06 3.64 5.55
H14 COC H . 2.50 2.16 4.26
#